data_8VK1
#
_entry.id   8VK1
#
_cell.length_a   225.254
_cell.length_b   95.298
_cell.length_c   69.209
_cell.angle_alpha   90.000
_cell.angle_beta   105.724
_cell.angle_gamma   90.000
#
_symmetry.space_group_name_H-M   'C 1 2 1'
#
loop_
_entity.id
_entity.type
_entity.pdbx_description
1 polymer 'IgE 4C8 light chain'
2 polymer 'Der p 2 variant 3'
3 polymer 'IgE 4C8 heavy chain'
4 water water
#
loop_
_entity_poly.entity_id
_entity_poly.type
_entity_poly.pdbx_seq_one_letter_code
_entity_poly.pdbx_strand_id
1 'polypeptide(L)'
;SFELTQPPSVSVSPGQTASITCSGDKLGDIYASWYQQKPGQSPVVVIFQDNKRPSGVPERFSGSNSGNTATLTISGTQAL
DEADYYCQAWDTSTSVFGTGTKVTVLGQPKANPTVTLFPPSSEELQANKATLVCLISDFYPGAVTVAWKADGSPVKAGVE
TTKPSKQSNNKYAASSYLSLTPEQWKSHRSYSCQVTHEGSTVEKTVAPTECS
;
E,B
2 'polypeptide(L)'
;DQVDVKDCANHEIKKVLVPGCHGSEPCIIHRGKPFQLEALFEANQNSKTAKIEIKASIDGLEVDVPGIDPNACHYMKCPL
VKGQQYDIKYTWNVPKIAPKSENVVVTVKVMGDNGVLACAIATHAKIRD
;
D,A
3 'polypeptide(L)'
;EVQLVESGGGLVQPGGSLRLSCAASGFTFSSYAIHWVRQAPGKGLEWVSGLSGGGGDTDYADSVKGRLTISRDNSKKTLF
LEMNNLRPEDTAIYYCAKLTGYGSTPGSYMDVWGKGTTVSVSSASTKGPSVFPLAPSSKSTSGGTAALGCLVKDYFPEPV
TVSWNSGALTSGVHTFPAVLQSSGLYSLSSVVTVPSSSLGTQTYICNVNHKPSNTKVDKKVEPKSCHHHHHH
;
F,C
#
# COMPACT_ATOMS: atom_id res chain seq x y z
N SER A 1 -28.27 22.79 -2.14
CA SER A 1 -28.13 21.32 -2.28
C SER A 1 -29.51 20.66 -2.29
N PHE A 2 -29.63 19.47 -2.90
CA PHE A 2 -30.92 18.78 -2.97
C PHE A 2 -31.27 18.28 -1.58
N GLU A 3 -32.55 17.96 -1.33
CA GLU A 3 -33.01 17.56 -0.01
C GLU A 3 -33.68 16.19 -0.09
N LEU A 4 -33.41 15.31 0.88
CA LEU A 4 -34.05 14.01 0.96
C LEU A 4 -35.05 14.02 2.11
N THR A 5 -36.34 13.73 1.85
CA THR A 5 -37.37 13.82 2.89
C THR A 5 -37.80 12.43 3.35
N GLN A 6 -37.68 12.17 4.65
CA GLN A 6 -38.10 10.89 5.23
C GLN A 6 -39.22 11.15 6.22
N PRO A 7 -40.16 10.20 6.42
CA PRO A 7 -41.20 10.33 7.45
C PRO A 7 -40.55 10.55 8.80
N PRO A 8 -41.10 11.38 9.69
CA PRO A 8 -40.47 11.67 10.98
C PRO A 8 -40.43 10.47 11.93
N SER A 9 -41.39 9.54 11.78
CA SER A 9 -41.48 8.40 12.69
C SER A 9 -42.33 7.29 12.06
N VAL A 10 -42.00 6.04 12.41
CA VAL A 10 -42.77 4.88 11.97
C VAL A 10 -42.92 3.95 13.18
N SER A 11 -44.16 3.66 13.59
CA SER A 11 -44.40 2.74 14.69
C SER A 11 -44.83 1.40 14.12
N VAL A 12 -44.29 0.31 14.68
CA VAL A 12 -44.56 -1.01 14.11
C VAL A 12 -44.81 -2.01 15.25
N SER A 13 -45.70 -2.97 15.01
CA SER A 13 -45.94 -4.04 15.97
C SER A 13 -44.85 -5.09 15.83
N PRO A 14 -44.46 -5.80 16.90
CA PRO A 14 -43.48 -6.88 16.79
C PRO A 14 -43.85 -7.82 15.65
N GLY A 15 -42.89 -8.05 14.74
CA GLY A 15 -43.07 -9.00 13.65
C GLY A 15 -43.73 -8.36 12.43
N GLN A 16 -44.14 -7.08 12.55
CA GLN A 16 -44.71 -6.38 11.41
C GLN A 16 -43.54 -5.85 10.58
N THR A 17 -43.76 -5.67 9.27
CA THR A 17 -42.74 -5.15 8.39
C THR A 17 -42.79 -3.63 8.44
N ALA A 18 -41.64 -2.98 8.71
CA ALA A 18 -41.54 -1.53 8.69
C ALA A 18 -41.17 -1.08 7.27
N SER A 19 -41.58 0.15 6.89
CA SER A 19 -41.30 0.69 5.57
C SER A 19 -40.94 2.17 5.70
N ILE A 20 -39.64 2.48 5.71
CA ILE A 20 -39.18 3.86 5.75
C ILE A 20 -38.96 4.32 4.32
N THR A 21 -39.37 5.55 3.97
CA THR A 21 -39.24 6.07 2.61
C THR A 21 -38.31 7.29 2.62
N CYS A 22 -37.56 7.49 1.51
CA CYS A 22 -36.66 8.63 1.34
C CYS A 22 -36.88 9.19 -0.05
N SER A 23 -37.34 10.44 -0.18
CA SER A 23 -37.72 10.95 -1.48
C SER A 23 -36.84 12.13 -1.90
N GLY A 24 -36.50 12.19 -3.19
CA GLY A 24 -35.67 13.24 -3.73
C GLY A 24 -36.05 13.48 -5.18
N ASP A 25 -35.69 14.64 -5.75
CA ASP A 25 -36.20 15.02 -7.05
C ASP A 25 -35.78 13.98 -8.09
N LYS A 26 -34.46 13.71 -8.18
CA LYS A 26 -33.96 12.65 -9.04
C LYS A 26 -33.00 11.76 -8.24
N LEU A 27 -33.48 10.62 -7.75
CA LEU A 27 -32.70 9.76 -6.87
C LEU A 27 -32.50 8.42 -7.56
N GLY A 28 -33.27 8.14 -8.61
CA GLY A 28 -33.06 6.95 -9.41
C GLY A 28 -31.88 7.15 -10.35
N ASP A 29 -31.39 8.40 -10.42
CA ASP A 29 -30.22 8.72 -11.20
C ASP A 29 -28.97 8.47 -10.37
N ILE A 30 -29.13 8.35 -9.05
CA ILE A 30 -28.02 8.20 -8.13
C ILE A 30 -28.28 6.99 -7.24
N TYR A 31 -27.40 6.74 -6.27
CA TYR A 31 -27.52 5.60 -5.37
C TYR A 31 -27.86 6.14 -4.00
N ALA A 32 -28.64 5.35 -3.23
CA ALA A 32 -29.06 5.74 -1.89
C ALA A 32 -28.60 4.71 -0.87
N SER A 33 -28.06 5.18 0.27
CA SER A 33 -27.69 4.29 1.35
C SER A 33 -28.49 4.63 2.62
N TRP A 34 -28.37 3.77 3.65
CA TRP A 34 -29.16 3.89 4.85
C TRP A 34 -28.32 3.60 6.08
N TYR A 35 -28.46 4.49 7.07
CA TYR A 35 -27.71 4.42 8.32
C TYR A 35 -28.68 4.28 9.51
N GLN A 36 -28.25 3.48 10.50
CA GLN A 36 -29.04 3.22 11.70
C GLN A 36 -28.30 3.73 12.92
N GLN A 37 -28.83 4.75 13.61
CA GLN A 37 -28.19 5.30 14.80
C GLN A 37 -29.05 5.00 16.03
N LYS A 38 -28.64 4.03 16.84
CA LYS A 38 -29.35 3.71 18.08
C LYS A 38 -28.94 4.75 19.11
N PRO A 39 -29.83 5.15 20.05
CA PRO A 39 -29.53 6.25 20.97
C PRO A 39 -28.21 6.03 21.71
N GLY A 40 -27.35 7.06 21.72
CA GLY A 40 -26.09 7.02 22.45
C GLY A 40 -24.97 6.26 21.71
N GLN A 41 -25.17 5.99 20.42
CA GLN A 41 -24.20 5.26 19.62
C GLN A 41 -23.99 5.98 18.29
N SER A 42 -22.91 5.61 17.57
CA SER A 42 -22.58 6.20 16.28
C SER A 42 -23.38 5.51 15.18
N PRO A 43 -23.58 6.14 14.01
CA PRO A 43 -24.38 5.52 12.96
C PRO A 43 -23.70 4.27 12.42
N VAL A 44 -24.49 3.38 11.78
CA VAL A 44 -23.97 2.15 11.20
C VAL A 44 -24.73 1.88 9.90
N VAL A 45 -24.03 1.49 8.84
CA VAL A 45 -24.66 1.30 7.54
C VAL A 45 -25.39 -0.04 7.52
N VAL A 46 -26.58 -0.07 6.92
CA VAL A 46 -27.39 -1.28 6.87
C VAL A 46 -27.70 -1.64 5.42
N ILE A 47 -27.82 -0.62 4.54
CA ILE A 47 -28.00 -0.79 3.11
C ILE A 47 -27.03 0.16 2.43
N PHE A 48 -26.28 -0.27 1.38
CA PHE A 48 -25.19 0.57 0.90
C PHE A 48 -25.41 1.07 -0.52
N GLN A 49 -26.03 0.30 -1.42
CA GLN A 49 -26.22 0.83 -2.77
C GLN A 49 -27.63 0.51 -3.26
N ASP A 50 -28.63 1.25 -2.79
CA ASP A 50 -30.02 1.03 -3.19
C ASP A 50 -30.51 -0.33 -2.66
N ASN A 51 -29.85 -1.43 -3.05
CA ASN A 51 -30.35 -2.77 -2.75
C ASN A 51 -29.24 -3.66 -2.21
N LYS A 52 -28.31 -3.13 -1.42
CA LYS A 52 -27.16 -3.94 -1.04
C LYS A 52 -26.97 -3.96 0.48
N ARG A 53 -26.86 -5.16 1.06
CA ARG A 53 -26.76 -5.33 2.50
C ARG A 53 -25.36 -5.79 2.88
N PRO A 54 -24.66 -5.04 3.75
CA PRO A 54 -23.31 -5.43 4.19
C PRO A 54 -23.27 -6.80 4.86
N SER A 55 -22.29 -7.64 4.54
CA SER A 55 -22.09 -8.86 5.32
C SER A 55 -22.10 -8.49 6.78
N GLY A 56 -22.96 -9.13 7.56
CA GLY A 56 -23.10 -8.84 8.98
C GLY A 56 -24.48 -8.30 9.32
N VAL A 57 -25.01 -7.43 8.45
CA VAL A 57 -26.33 -6.87 8.64
C VAL A 57 -27.37 -7.97 8.38
N PRO A 58 -28.39 -8.12 9.27
CA PRO A 58 -29.38 -9.19 9.17
C PRO A 58 -30.21 -9.23 7.90
N GLU A 59 -30.58 -10.44 7.43
CA GLU A 59 -31.19 -10.61 6.13
C GLU A 59 -32.53 -9.88 6.01
N ARG A 60 -33.10 -9.48 7.14
CA ARG A 60 -34.40 -8.85 7.16
C ARG A 60 -34.37 -7.49 6.48
N PHE A 61 -33.19 -6.85 6.42
CA PHE A 61 -33.05 -5.51 5.87
C PHE A 61 -32.93 -5.56 4.35
N SER A 62 -33.74 -4.74 3.65
CA SER A 62 -33.74 -4.66 2.20
C SER A 62 -33.94 -3.21 1.76
N GLY A 63 -33.60 -2.90 0.51
CA GLY A 63 -33.71 -1.53 0.01
C GLY A 63 -34.19 -1.47 -1.43
N SER A 64 -34.59 -0.28 -1.89
CA SER A 64 -35.00 -0.04 -3.27
C SER A 64 -34.84 1.45 -3.58
N ASN A 65 -34.65 1.80 -4.86
CA ASN A 65 -34.59 3.19 -5.28
C ASN A 65 -35.30 3.35 -6.61
N SER A 66 -36.61 3.07 -6.63
CA SER A 66 -37.41 3.24 -7.82
C SER A 66 -38.41 4.38 -7.63
N GLY A 67 -38.61 5.21 -8.66
CA GLY A 67 -39.61 6.25 -8.63
C GLY A 67 -39.12 7.54 -7.98
N ASN A 68 -37.81 7.69 -7.82
CA ASN A 68 -37.25 8.85 -7.14
C ASN A 68 -37.54 8.76 -5.65
N THR A 69 -37.78 7.52 -5.16
CA THR A 69 -38.04 7.27 -3.76
C THR A 69 -37.26 6.03 -3.32
N ALA A 70 -36.41 6.18 -2.30
CA ALA A 70 -35.67 5.06 -1.74
C ALA A 70 -36.46 4.48 -0.58
N THR A 71 -36.49 3.15 -0.44
CA THR A 71 -37.35 2.51 0.56
C THR A 71 -36.62 1.42 1.34
N LEU A 72 -36.33 1.67 2.63
CA LEU A 72 -35.80 0.65 3.52
C LEU A 72 -36.95 -0.20 4.01
N THR A 73 -36.70 -1.52 4.12
CA THR A 73 -37.75 -2.48 4.43
C THR A 73 -37.22 -3.49 5.44
N ILE A 74 -37.60 -3.31 6.70
CA ILE A 74 -37.23 -4.22 7.77
C ILE A 74 -38.37 -5.20 7.95
N SER A 75 -38.20 -6.47 7.56
CA SER A 75 -39.26 -7.43 7.70
C SER A 75 -39.04 -8.20 9.00
N GLY A 76 -40.11 -8.50 9.71
CA GLY A 76 -39.99 -9.13 11.01
C GLY A 76 -39.31 -8.22 12.04
N THR A 77 -39.68 -6.92 12.05
CA THR A 77 -39.03 -5.96 12.93
C THR A 77 -39.02 -6.53 14.34
N GLN A 78 -37.90 -6.34 15.04
CA GLN A 78 -37.75 -6.80 16.41
C GLN A 78 -37.42 -5.57 17.24
N ALA A 79 -37.24 -5.76 18.54
CA ALA A 79 -36.95 -4.66 19.43
C ALA A 79 -35.53 -4.15 19.23
N LEU A 80 -34.65 -4.96 18.63
CA LEU A 80 -33.29 -4.57 18.30
C LEU A 80 -33.21 -3.58 17.14
N ASP A 81 -34.25 -3.53 16.31
CA ASP A 81 -34.25 -2.68 15.14
C ASP A 81 -34.69 -1.27 15.52
N GLU A 82 -35.00 -1.07 16.80
CA GLU A 82 -35.61 0.16 17.27
C GLU A 82 -34.53 1.24 17.37
N ALA A 83 -34.50 2.11 16.36
CA ALA A 83 -33.47 3.14 16.24
C ALA A 83 -33.92 4.27 15.30
N ASP A 84 -33.07 5.29 15.13
CA ASP A 84 -33.29 6.34 14.16
C ASP A 84 -32.64 5.91 12.83
N TYR A 85 -33.35 6.04 11.70
CA TYR A 85 -32.83 5.62 10.40
C TYR A 85 -32.68 6.83 9.47
N TYR A 86 -31.49 7.00 8.87
CA TYR A 86 -31.20 8.13 8.01
C TYR A 86 -30.79 7.63 6.62
N CYS A 87 -31.51 8.08 5.59
CA CYS A 87 -31.08 7.83 4.22
C CYS A 87 -30.06 8.88 3.79
N GLN A 88 -29.25 8.53 2.79
CA GLN A 88 -28.19 9.42 2.32
C GLN A 88 -27.96 9.23 0.83
N ALA A 89 -27.62 10.33 0.16
CA ALA A 89 -27.30 10.33 -1.26
C ALA A 89 -26.39 11.52 -1.54
N TRP A 90 -25.67 11.46 -2.67
CA TRP A 90 -24.64 12.44 -2.97
C TRP A 90 -25.15 13.49 -3.96
N ASP A 91 -25.05 14.77 -3.58
CA ASP A 91 -25.34 15.84 -4.51
C ASP A 91 -23.98 16.27 -5.05
N THR A 92 -23.59 15.58 -6.11
CA THR A 92 -22.19 15.53 -6.56
C THR A 92 -21.32 15.30 -5.32
N SER A 93 -20.64 16.33 -4.83
CA SER A 93 -19.62 16.14 -3.80
C SER A 93 -20.20 16.30 -2.40
N THR A 94 -21.45 16.74 -2.29
CA THR A 94 -22.06 16.94 -0.96
C THR A 94 -22.84 15.70 -0.57
N SER A 95 -22.63 15.22 0.68
CA SER A 95 -23.40 14.10 1.22
C SER A 95 -24.70 14.66 1.80
N VAL A 96 -25.82 14.35 1.15
CA VAL A 96 -27.10 14.83 1.65
C VAL A 96 -27.69 13.72 2.54
N PHE A 97 -27.93 14.02 3.82
CA PHE A 97 -28.58 13.08 4.73
C PHE A 97 -30.05 13.46 4.85
N GLY A 98 -30.92 12.48 5.09
CA GLY A 98 -32.35 12.72 5.26
C GLY A 98 -32.69 13.25 6.65
N THR A 99 -33.96 13.59 6.86
CA THR A 99 -34.42 14.20 8.11
C THR A 99 -34.33 13.21 9.27
N GLY A 100 -34.69 11.93 9.03
CA GLY A 100 -34.61 10.89 10.03
C GLY A 100 -35.99 10.27 10.31
N THR A 101 -36.06 8.93 10.38
CA THR A 101 -37.29 8.24 10.69
C THR A 101 -37.02 7.37 11.91
N LYS A 102 -37.67 7.71 13.05
CA LYS A 102 -37.47 6.96 14.29
C LYS A 102 -38.42 5.77 14.29
N VAL A 103 -37.86 4.55 14.28
CA VAL A 103 -38.67 3.34 14.26
C VAL A 103 -38.89 2.89 15.70
N THR A 104 -40.16 2.73 16.09
CA THR A 104 -40.50 2.21 17.39
C THR A 104 -41.22 0.87 17.17
N VAL A 105 -40.87 -0.12 18.00
CA VAL A 105 -41.60 -1.38 18.07
C VAL A 105 -42.41 -1.43 19.35
N LEU A 106 -43.72 -1.61 19.23
CA LEU A 106 -44.64 -1.59 20.34
C LEU A 106 -44.64 -2.96 21.04
N GLY A 107 -43.71 -3.15 21.99
CA GLY A 107 -43.53 -4.44 22.65
C GLY A 107 -44.21 -4.51 24.01
N GLN A 108 -44.41 -3.33 24.61
CA GLN A 108 -45.11 -3.16 25.87
C GLN A 108 -46.55 -2.74 25.58
N PRO A 109 -47.49 -2.96 26.52
CA PRO A 109 -48.85 -2.43 26.40
C PRO A 109 -48.90 -0.98 26.89
N LYS A 110 -49.98 -0.29 26.50
CA LYS A 110 -50.16 1.12 26.78
C LYS A 110 -50.13 1.36 28.28
N ALA A 111 -49.41 2.39 28.72
CA ALA A 111 -49.20 2.66 30.14
C ALA A 111 -49.44 4.14 30.38
N ASN A 112 -50.24 4.48 31.40
CA ASN A 112 -50.58 5.87 31.63
C ASN A 112 -49.49 6.49 32.50
N PRO A 113 -49.24 7.82 32.40
CA PRO A 113 -48.17 8.46 33.14
C PRO A 113 -48.33 8.52 34.65
N THR A 114 -47.22 8.72 35.37
CA THR A 114 -47.27 8.92 36.82
C THR A 114 -46.80 10.35 37.10
N VAL A 115 -47.71 11.28 37.37
CA VAL A 115 -47.34 12.69 37.51
C VAL A 115 -47.02 13.04 38.97
N THR A 116 -45.97 13.84 39.19
CA THR A 116 -45.58 14.30 40.52
C THR A 116 -45.28 15.80 40.42
N LEU A 117 -45.98 16.64 41.21
CA LEU A 117 -45.86 18.08 41.08
C LEU A 117 -45.34 18.65 42.39
N PHE A 118 -44.17 19.27 42.34
CA PHE A 118 -43.61 19.90 43.52
C PHE A 118 -43.82 21.39 43.41
N PRO A 119 -44.25 22.05 44.51
CA PRO A 119 -44.43 23.49 44.51
C PRO A 119 -43.09 24.21 44.61
N PRO A 120 -43.06 25.54 44.46
CA PRO A 120 -41.86 26.31 44.76
C PRO A 120 -41.34 26.00 46.16
N SER A 121 -40.07 26.28 46.41
CA SER A 121 -39.45 26.01 47.70
C SER A 121 -39.19 27.32 48.42
N SER A 122 -39.22 27.29 49.75
CA SER A 122 -38.96 28.47 50.56
C SER A 122 -37.58 29.04 50.21
N GLU A 123 -36.64 28.15 49.86
CA GLU A 123 -35.29 28.57 49.53
C GLU A 123 -35.29 29.36 48.21
N GLU A 124 -35.97 28.82 47.19
CA GLU A 124 -36.06 29.49 45.91
C GLU A 124 -36.79 30.81 46.10
N LEU A 125 -37.94 30.77 46.78
CA LEU A 125 -38.76 31.96 46.95
C LEU A 125 -37.92 33.06 47.61
N GLN A 126 -37.04 32.68 48.55
CA GLN A 126 -36.17 33.64 49.21
C GLN A 126 -35.19 34.26 48.23
N ALA A 127 -34.93 33.55 47.11
CA ALA A 127 -33.99 34.02 46.12
C ALA A 127 -34.70 34.86 45.05
N ASN A 128 -35.92 35.30 45.36
CA ASN A 128 -36.68 36.16 44.45
C ASN A 128 -37.01 35.41 43.17
N LYS A 129 -36.98 34.07 43.20
CA LYS A 129 -37.36 33.30 42.04
C LYS A 129 -38.28 32.17 42.49
N ALA A 130 -38.99 31.54 41.54
CA ALA A 130 -39.94 30.49 41.87
C ALA A 130 -40.13 29.56 40.68
N THR A 131 -39.99 28.25 40.89
CA THR A 131 -40.11 27.29 39.80
C THR A 131 -41.00 26.12 40.25
N LEU A 132 -41.96 25.73 39.40
CA LEU A 132 -42.80 24.57 39.65
C LEU A 132 -42.30 23.42 38.80
N VAL A 133 -42.25 22.20 39.35
CA VAL A 133 -41.68 21.06 38.64
C VAL A 133 -42.72 19.97 38.45
N CYS A 134 -42.96 19.55 37.20
CA CYS A 134 -43.90 18.49 36.91
C CYS A 134 -43.15 17.29 36.34
N LEU A 135 -42.92 16.24 37.15
CA LEU A 135 -42.17 15.07 36.75
C LEU A 135 -43.10 13.96 36.26
N ILE A 136 -42.76 13.34 35.13
CA ILE A 136 -43.63 12.38 34.48
C ILE A 136 -42.90 11.07 34.25
N SER A 137 -43.44 9.95 34.74
CA SER A 137 -42.74 8.68 34.70
C SER A 137 -43.63 7.53 34.23
N ASP A 138 -43.02 6.45 33.70
CA ASP A 138 -43.70 5.21 33.34
C ASP A 138 -44.89 5.45 32.40
N PHE A 139 -44.64 5.93 31.17
CA PHE A 139 -45.71 6.06 30.19
C PHE A 139 -45.30 5.37 28.88
N TYR A 140 -46.25 4.69 28.24
CA TYR A 140 -45.96 4.01 26.98
C TYR A 140 -47.16 4.18 26.05
N PRO A 141 -46.96 4.46 24.73
CA PRO A 141 -45.66 4.81 24.17
C PRO A 141 -45.22 6.25 24.47
N GLY A 142 -44.09 6.71 23.92
CA GLY A 142 -43.39 7.85 24.50
C GLY A 142 -43.85 9.20 23.96
N ALA A 143 -45.11 9.56 24.15
CA ALA A 143 -45.62 10.84 23.72
C ALA A 143 -46.51 11.44 24.83
N VAL A 144 -46.25 12.70 25.18
CA VAL A 144 -47.02 13.38 26.21
C VAL A 144 -47.23 14.84 25.82
N THR A 145 -48.38 15.40 26.22
CA THR A 145 -48.69 16.81 26.10
C THR A 145 -48.91 17.37 27.49
N VAL A 146 -48.11 18.38 27.87
CA VAL A 146 -48.28 19.07 29.12
C VAL A 146 -49.11 20.33 28.90
N ALA A 147 -50.08 20.59 29.79
CA ALA A 147 -50.70 21.89 29.86
C ALA A 147 -50.64 22.39 31.30
N TRP A 148 -50.27 23.66 31.47
CA TRP A 148 -50.28 24.26 32.79
C TRP A 148 -51.50 25.16 32.93
N LYS A 149 -52.04 25.22 34.15
CA LYS A 149 -53.23 25.99 34.47
C LYS A 149 -52.92 26.82 35.72
N ALA A 150 -53.36 28.09 35.72
CA ALA A 150 -53.32 28.92 36.91
C ALA A 150 -54.75 29.26 37.25
N ASP A 151 -55.16 28.99 38.50
CA ASP A 151 -56.55 29.16 38.89
C ASP A 151 -57.42 28.64 37.73
N GLY A 152 -57.11 27.42 37.26
CA GLY A 152 -57.92 26.71 36.30
C GLY A 152 -57.92 27.33 34.90
N SER A 153 -56.99 28.26 34.59
CA SER A 153 -56.97 28.88 33.27
C SER A 153 -55.61 28.66 32.61
N PRO A 154 -55.58 28.45 31.27
CA PRO A 154 -54.34 28.11 30.58
C PRO A 154 -53.21 29.10 30.87
N VAL A 155 -52.00 28.58 31.11
CA VAL A 155 -50.80 29.39 31.29
C VAL A 155 -49.91 29.17 30.07
N LYS A 156 -49.14 30.18 29.66
CA LYS A 156 -48.36 30.08 28.43
C LYS A 156 -46.86 30.24 28.70
N ALA A 157 -46.48 31.35 29.35
CA ALA A 157 -45.07 31.69 29.52
C ALA A 157 -44.46 30.89 30.67
N GLY A 158 -43.12 30.78 30.68
CA GLY A 158 -42.41 30.09 31.75
C GLY A 158 -42.38 28.58 31.57
N VAL A 159 -43.15 28.04 30.61
CA VAL A 159 -43.26 26.59 30.46
C VAL A 159 -42.09 26.08 29.61
N GLU A 160 -41.16 25.32 30.22
CA GLU A 160 -40.08 24.69 29.50
C GLU A 160 -40.17 23.18 29.69
N THR A 161 -40.86 22.48 28.78
CA THR A 161 -41.06 21.03 28.87
C THR A 161 -39.90 20.30 28.18
N THR A 162 -39.50 19.13 28.72
CA THR A 162 -38.40 18.36 28.16
C THR A 162 -38.94 17.41 27.09
N LYS A 163 -38.12 16.43 26.69
CA LYS A 163 -38.45 15.56 25.56
C LYS A 163 -38.54 14.13 26.07
N PRO A 164 -39.56 13.35 25.64
CA PRO A 164 -39.74 11.99 26.14
C PRO A 164 -38.45 11.17 26.04
N SER A 165 -37.87 10.80 27.18
CA SER A 165 -36.70 9.94 27.18
C SER A 165 -37.16 8.52 27.53
N LYS A 166 -36.33 7.51 27.28
CA LYS A 166 -36.68 6.14 27.66
C LYS A 166 -35.96 5.79 28.96
N GLN A 167 -36.71 5.26 29.93
CA GLN A 167 -36.15 4.70 31.16
C GLN A 167 -35.67 3.27 30.93
N SER A 168 -34.93 2.73 31.90
CA SER A 168 -34.44 1.35 31.87
C SER A 168 -35.57 0.32 31.86
N ASN A 169 -36.78 0.71 32.26
CA ASN A 169 -37.94 -0.17 32.12
C ASN A 169 -38.52 -0.11 30.71
N ASN A 170 -37.91 0.66 29.81
CA ASN A 170 -38.37 0.80 28.43
C ASN A 170 -39.69 1.58 28.32
N LYS A 171 -40.24 2.03 29.46
CA LYS A 171 -41.27 3.06 29.46
C LYS A 171 -40.59 4.44 29.43
N TYR A 172 -41.37 5.51 29.23
CA TYR A 172 -40.76 6.80 28.99
C TYR A 172 -40.98 7.78 30.14
N ALA A 173 -40.07 8.76 30.24
CA ALA A 173 -40.10 9.79 31.27
C ALA A 173 -39.94 11.17 30.66
N ALA A 174 -40.52 12.17 31.33
CA ALA A 174 -40.45 13.57 30.92
C ALA A 174 -40.61 14.51 32.11
N SER A 175 -40.07 15.73 31.98
CA SER A 175 -40.29 16.78 32.97
C SER A 175 -40.81 18.03 32.30
N SER A 176 -41.40 18.92 33.11
CA SER A 176 -41.81 20.25 32.67
C SER A 176 -41.66 21.23 33.82
N TYR A 177 -41.13 22.42 33.54
CA TYR A 177 -40.88 23.43 34.55
C TYR A 177 -41.63 24.72 34.21
N LEU A 178 -42.26 25.35 35.23
CA LEU A 178 -42.96 26.63 35.10
C LEU A 178 -42.28 27.64 36.01
N SER A 179 -41.62 28.64 35.42
CA SER A 179 -40.98 29.70 36.19
C SER A 179 -41.96 30.86 36.40
N LEU A 180 -41.98 31.41 37.62
CA LEU A 180 -42.81 32.54 38.01
C LEU A 180 -41.99 33.48 38.88
N THR A 181 -42.54 34.66 39.20
CA THR A 181 -42.02 35.43 40.32
C THR A 181 -42.73 34.95 41.59
N PRO A 182 -42.08 35.11 42.77
CA PRO A 182 -42.72 34.82 44.05
C PRO A 182 -44.11 35.45 44.19
N GLU A 183 -44.27 36.68 43.65
CA GLU A 183 -45.51 37.44 43.78
C GLU A 183 -46.62 36.81 42.95
N GLN A 184 -46.28 36.35 41.73
CA GLN A 184 -47.25 35.72 40.84
C GLN A 184 -47.79 34.42 41.44
N TRP A 185 -46.86 33.66 42.04
CA TRP A 185 -47.17 32.43 42.75
C TRP A 185 -48.26 32.69 43.79
N LYS A 186 -48.09 33.76 44.58
CA LYS A 186 -48.97 34.05 45.71
C LYS A 186 -50.25 34.72 45.25
N SER A 187 -50.25 35.33 44.06
CA SER A 187 -51.42 36.04 43.55
C SER A 187 -52.53 35.05 43.18
N HIS A 188 -52.19 33.79 42.92
CA HIS A 188 -53.18 32.78 42.54
C HIS A 188 -53.41 31.79 43.68
N ARG A 189 -54.38 30.89 43.47
CA ARG A 189 -54.82 29.98 44.51
C ARG A 189 -54.40 28.55 44.19
N SER A 190 -54.24 28.22 42.90
CA SER A 190 -53.80 26.89 42.49
C SER A 190 -53.14 26.96 41.11
N TYR A 191 -51.97 26.32 41.00
CA TYR A 191 -51.43 26.00 39.68
C TYR A 191 -51.52 24.48 39.49
N SER A 192 -51.74 24.05 38.25
CA SER A 192 -51.91 22.64 37.97
C SER A 192 -51.10 22.23 36.74
N CYS A 193 -50.64 20.98 36.74
CA CYS A 193 -49.92 20.40 35.62
C CYS A 193 -50.78 19.30 34.98
N GLN A 194 -51.29 19.56 33.77
CA GLN A 194 -52.19 18.61 33.13
C GLN A 194 -51.44 17.82 32.06
N VAL A 195 -51.30 16.50 32.25
CA VAL A 195 -50.54 15.65 31.35
C VAL A 195 -51.48 14.79 30.52
N THR A 196 -51.49 14.98 29.19
CA THR A 196 -52.39 14.26 28.29
C THR A 196 -51.60 13.18 27.55
N HIS A 197 -52.01 11.91 27.70
CA HIS A 197 -51.35 10.78 27.04
C HIS A 197 -52.40 9.76 26.62
N GLU A 198 -52.35 9.31 25.36
CA GLU A 198 -53.28 8.30 24.86
C GLU A 198 -54.71 8.66 25.20
N GLY A 199 -55.09 9.93 25.01
CA GLY A 199 -56.46 10.35 25.20
C GLY A 199 -56.88 10.51 26.66
N SER A 200 -56.06 10.06 27.62
CA SER A 200 -56.38 10.20 29.04
C SER A 200 -55.55 11.33 29.65
N THR A 201 -56.22 12.19 30.43
CA THR A 201 -55.60 13.37 31.01
C THR A 201 -55.40 13.17 32.52
N VAL A 202 -54.15 13.15 32.96
CA VAL A 202 -53.85 13.12 34.39
C VAL A 202 -53.44 14.52 34.82
N GLU A 203 -54.03 14.97 35.95
CA GLU A 203 -53.82 16.32 36.44
C GLU A 203 -53.31 16.23 37.88
N LYS A 204 -52.37 17.12 38.23
CA LYS A 204 -51.95 17.32 39.60
C LYS A 204 -51.94 18.81 39.88
N THR A 205 -52.15 19.19 41.15
CA THR A 205 -52.35 20.59 41.51
C THR A 205 -51.57 20.91 42.77
N VAL A 206 -51.16 22.18 42.92
CA VAL A 206 -50.52 22.69 44.12
C VAL A 206 -51.02 24.11 44.39
N ALA A 207 -50.74 24.64 45.58
CA ALA A 207 -51.29 25.93 46.00
C ALA A 207 -50.35 26.61 46.99
N PRO A 208 -50.24 27.95 46.95
CA PRO A 208 -49.34 28.66 47.86
C PRO A 208 -49.74 28.37 49.29
N THR A 209 -48.78 28.18 50.19
CA THR A 209 -49.09 27.80 51.57
C THR A 209 -48.32 28.67 52.57
N GLU A 210 -48.84 29.88 52.85
CA GLU A 210 -48.29 30.79 53.85
C GLU A 210 -46.81 30.45 54.12
N ASP B 1 -1.90 -6.66 -22.26
CA ASP B 1 -2.63 -7.38 -21.18
C ASP B 1 -3.13 -6.35 -20.16
N GLN B 2 -3.53 -6.86 -19.00
CA GLN B 2 -4.02 -6.05 -17.90
C GLN B 2 -2.87 -5.33 -17.20
N VAL B 3 -3.12 -4.05 -16.93
CA VAL B 3 -2.18 -3.13 -16.32
C VAL B 3 -2.72 -2.77 -14.95
N ASP B 4 -1.83 -2.29 -14.07
CA ASP B 4 -2.18 -1.87 -12.73
C ASP B 4 -2.17 -0.35 -12.62
N VAL B 5 -3.29 0.14 -12.09
CA VAL B 5 -3.50 1.54 -11.81
C VAL B 5 -4.01 1.60 -10.38
N LYS B 6 -3.93 2.79 -9.79
CA LYS B 6 -4.43 3.02 -8.44
C LYS B 6 -5.68 3.86 -8.55
N ASP B 7 -6.76 3.42 -7.87
CA ASP B 7 -8.06 4.10 -7.98
C ASP B 7 -8.09 5.36 -7.12
N CYS B 8 -8.64 6.45 -7.65
CA CYS B 8 -8.81 7.70 -6.89
C CYS B 8 -10.30 8.03 -6.70
N ALA B 9 -11.19 7.04 -6.90
CA ALA B 9 -12.63 7.25 -6.73
C ALA B 9 -13.20 6.16 -5.82
N ASN B 10 -14.16 5.35 -6.32
CA ASN B 10 -14.79 4.34 -5.47
C ASN B 10 -14.79 2.96 -6.12
N HIS B 11 -13.71 2.60 -6.83
CA HIS B 11 -13.54 1.23 -7.31
C HIS B 11 -14.47 0.89 -8.48
N GLU B 12 -14.91 1.91 -9.21
CA GLU B 12 -15.77 1.70 -10.36
C GLU B 12 -15.02 1.07 -11.54
N ILE B 13 -13.73 1.41 -11.71
CA ILE B 13 -12.88 0.84 -12.75
C ILE B 13 -12.50 -0.57 -12.33
N LYS B 14 -12.76 -1.56 -13.20
CA LYS B 14 -12.62 -2.97 -12.88
C LYS B 14 -11.35 -3.59 -13.47
N LYS B 15 -11.08 -3.28 -14.73
CA LYS B 15 -9.88 -3.77 -15.40
C LYS B 15 -9.44 -2.67 -16.35
N VAL B 16 -8.11 -2.54 -16.53
CA VAL B 16 -7.50 -1.59 -17.47
C VAL B 16 -6.49 -2.36 -18.31
N LEU B 17 -6.71 -2.40 -19.63
CA LEU B 17 -5.85 -3.14 -20.54
C LEU B 17 -5.07 -2.18 -21.46
N VAL B 18 -3.76 -2.38 -21.54
CA VAL B 18 -2.94 -1.73 -22.58
C VAL B 18 -2.27 -2.82 -23.41
N PRO B 19 -2.42 -2.81 -24.76
CA PRO B 19 -1.84 -3.86 -25.59
C PRO B 19 -0.34 -4.02 -25.32
N GLY B 20 0.05 -5.23 -24.90
CA GLY B 20 1.44 -5.62 -24.80
C GLY B 20 2.16 -5.09 -23.57
N CYS B 21 1.44 -4.49 -22.61
CA CYS B 21 2.01 -4.22 -21.30
C CYS B 21 1.43 -5.19 -20.30
N HIS B 22 2.06 -5.28 -19.11
CA HIS B 22 1.67 -6.27 -18.10
C HIS B 22 1.83 -5.65 -16.72
N GLY B 23 0.77 -5.76 -15.90
CA GLY B 23 0.75 -5.38 -14.48
C GLY B 23 1.44 -4.05 -14.18
N SER B 24 2.44 -4.11 -13.29
CA SER B 24 3.15 -2.94 -12.80
C SER B 24 4.52 -2.78 -13.46
N GLU B 25 4.70 -3.48 -14.59
CA GLU B 25 5.95 -3.45 -15.32
C GLU B 25 5.96 -2.23 -16.22
N PRO B 26 7.15 -1.63 -16.49
CA PRO B 26 7.22 -0.48 -17.38
C PRO B 26 6.38 -0.70 -18.63
N CYS B 27 5.58 0.31 -18.95
CA CYS B 27 4.70 0.32 -20.10
C CYS B 27 5.14 1.42 -21.05
N ILE B 28 5.62 1.04 -22.25
CA ILE B 28 6.31 1.95 -23.13
C ILE B 28 5.32 2.53 -24.13
N ILE B 29 5.07 3.84 -23.98
CA ILE B 29 4.38 4.66 -24.95
C ILE B 29 5.44 5.25 -25.90
N HIS B 30 5.25 5.00 -27.20
CA HIS B 30 6.14 5.46 -28.24
C HIS B 30 5.61 6.79 -28.77
N ARG B 31 6.48 7.81 -28.84
CA ARG B 31 6.19 9.05 -29.55
C ARG B 31 5.75 8.74 -30.98
N GLY B 32 4.75 9.47 -31.47
CA GLY B 32 4.39 9.43 -32.88
C GLY B 32 3.62 8.17 -33.28
N LYS B 33 3.41 7.23 -32.35
CA LYS B 33 2.57 6.08 -32.62
C LYS B 33 1.31 6.20 -31.76
N PRO B 34 0.12 5.85 -32.29
CA PRO B 34 -1.10 5.84 -31.51
C PRO B 34 -1.03 4.97 -30.27
N PHE B 35 -1.52 5.53 -29.15
CA PHE B 35 -1.62 4.83 -27.86
C PHE B 35 -3.07 4.42 -27.60
N GLN B 36 -3.26 3.10 -27.39
CA GLN B 36 -4.56 2.54 -27.14
C GLN B 36 -4.60 1.99 -25.73
N LEU B 37 -5.80 2.06 -25.16
CA LEU B 37 -6.07 1.87 -23.75
C LEU B 37 -7.54 1.50 -23.59
N GLU B 38 -7.79 0.32 -23.03
CA GLU B 38 -9.13 -0.17 -22.80
C GLU B 38 -9.38 -0.17 -21.30
N ALA B 39 -10.65 0.04 -20.93
CA ALA B 39 -11.10 0.00 -19.55
C ALA B 39 -12.48 -0.64 -19.46
N LEU B 40 -12.69 -1.40 -18.39
CA LEU B 40 -13.99 -1.95 -18.01
C LEU B 40 -14.44 -1.31 -16.71
N PHE B 41 -15.51 -0.51 -16.73
CA PHE B 41 -15.94 0.13 -15.50
C PHE B 41 -17.45 -0.05 -15.34
N GLU B 42 -17.93 0.17 -14.10
CA GLU B 42 -19.34 0.17 -13.75
C GLU B 42 -19.85 1.59 -13.50
N ALA B 43 -20.93 1.95 -14.20
CA ALA B 43 -21.53 3.26 -14.05
C ALA B 43 -22.18 3.34 -12.66
N ASN B 44 -21.75 4.35 -11.90
CA ASN B 44 -22.22 4.58 -10.55
C ASN B 44 -23.45 5.48 -10.58
N GLN B 45 -23.99 5.78 -11.76
CA GLN B 45 -25.09 6.72 -11.85
C GLN B 45 -25.65 6.80 -13.25
N ASN B 46 -26.91 7.22 -13.41
CA ASN B 46 -27.37 7.58 -14.73
C ASN B 46 -26.67 8.87 -15.13
N SER B 47 -26.18 8.92 -16.37
CA SER B 47 -25.55 10.12 -16.92
C SER B 47 -25.66 10.12 -18.42
N LYS B 48 -25.98 11.30 -18.98
CA LYS B 48 -25.98 11.48 -20.42
C LYS B 48 -24.60 11.88 -20.90
N THR B 49 -23.75 12.41 -20.00
CA THR B 49 -22.42 12.92 -20.36
C THR B 49 -21.31 12.15 -19.65
N ALA B 50 -20.07 12.31 -20.14
CA ALA B 50 -18.86 11.73 -19.55
C ALA B 50 -17.66 12.56 -20.00
N LYS B 51 -17.08 13.37 -19.10
CA LYS B 51 -15.98 14.26 -19.46
C LYS B 51 -14.68 13.72 -18.91
N ILE B 52 -13.63 13.65 -19.74
CA ILE B 52 -12.31 13.14 -19.34
C ILE B 52 -11.43 14.32 -18.94
N GLU B 53 -10.84 14.27 -17.74
CA GLU B 53 -9.89 15.28 -17.30
C GLU B 53 -8.54 14.59 -17.06
N ILE B 54 -7.49 15.06 -17.73
CA ILE B 54 -6.17 14.46 -17.55
C ILE B 54 -5.24 15.48 -16.90
N LYS B 55 -4.52 15.03 -15.87
CA LYS B 55 -3.35 15.70 -15.34
C LYS B 55 -2.21 14.69 -15.42
N ALA B 56 -1.10 15.06 -16.06
CA ALA B 56 0.05 14.17 -16.13
C ALA B 56 1.32 14.93 -15.74
N SER B 57 2.31 14.18 -15.26
CA SER B 57 3.55 14.79 -14.75
C SER B 57 4.75 14.02 -15.30
N ILE B 58 5.78 14.79 -15.67
CA ILE B 58 6.98 14.26 -16.26
C ILE B 58 8.16 14.67 -15.38
N ASP B 59 8.84 13.65 -14.80
CA ASP B 59 9.90 13.84 -13.82
C ASP B 59 9.47 14.88 -12.80
N GLY B 60 8.24 14.75 -12.26
CA GLY B 60 7.80 15.57 -11.13
C GLY B 60 7.21 16.94 -11.52
N LEU B 61 7.28 17.33 -12.80
CA LEU B 61 6.79 18.62 -13.25
C LEU B 61 5.53 18.43 -14.10
N GLU B 62 4.51 19.24 -13.86
CA GLU B 62 3.23 19.14 -14.55
C GLU B 62 3.42 19.39 -16.05
N VAL B 63 2.54 18.83 -16.87
CA VAL B 63 2.66 18.88 -18.33
C VAL B 63 1.28 18.96 -18.95
N ASP B 64 1.09 19.81 -19.97
CA ASP B 64 -0.19 19.87 -20.66
C ASP B 64 -0.28 18.78 -21.71
N VAL B 65 -1.11 17.77 -21.44
CA VAL B 65 -1.29 16.70 -22.41
C VAL B 65 -2.23 17.18 -23.50
N PRO B 66 -1.77 17.29 -24.77
CA PRO B 66 -2.59 17.87 -25.84
C PRO B 66 -3.37 16.84 -26.67
N GLY B 67 -4.31 17.37 -27.46
CA GLY B 67 -5.11 16.59 -28.38
C GLY B 67 -5.80 15.41 -27.70
N ILE B 68 -6.42 15.67 -26.55
CA ILE B 68 -7.19 14.67 -25.84
C ILE B 68 -8.65 15.01 -26.08
N ASP B 69 -9.42 14.01 -26.52
CA ASP B 69 -10.85 14.17 -26.72
C ASP B 69 -11.52 14.03 -25.35
N PRO B 70 -12.11 15.11 -24.80
CA PRO B 70 -12.66 15.05 -23.45
C PRO B 70 -13.97 14.26 -23.35
N ASN B 71 -14.66 14.05 -24.47
CA ASN B 71 -15.96 13.38 -24.46
C ASN B 71 -15.73 11.88 -24.57
N ALA B 72 -15.99 11.15 -23.48
CA ALA B 72 -15.80 9.71 -23.44
C ALA B 72 -16.95 9.03 -24.13
N CYS B 73 -18.01 9.79 -24.38
CA CYS B 73 -19.19 9.24 -25.03
C CYS B 73 -18.92 8.99 -26.49
N HIS B 74 -17.76 9.47 -26.97
CA HIS B 74 -17.27 9.15 -28.30
C HIS B 74 -16.63 7.77 -28.33
N TYR B 75 -16.45 7.10 -27.17
CA TYR B 75 -15.69 5.86 -27.12
C TYR B 75 -16.40 4.75 -26.35
N MET B 76 -17.61 5.04 -25.88
CA MET B 76 -18.46 4.02 -25.28
C MET B 76 -19.92 4.35 -25.59
N LYS B 77 -20.81 3.43 -25.22
CA LYS B 77 -22.24 3.64 -25.43
C LYS B 77 -22.79 4.59 -24.37
N CYS B 78 -23.25 5.78 -24.78
CA CYS B 78 -23.89 6.77 -23.92
C CYS B 78 -25.31 6.97 -24.42
N PRO B 79 -26.36 6.97 -23.56
CA PRO B 79 -26.27 7.37 -22.15
C PRO B 79 -25.83 6.25 -21.22
N LEU B 80 -25.37 6.62 -20.02
CA LEU B 80 -24.93 5.63 -19.05
C LEU B 80 -26.09 5.27 -18.12
N VAL B 81 -26.22 3.97 -17.80
CA VAL B 81 -27.26 3.48 -16.93
C VAL B 81 -26.63 3.00 -15.64
N LYS B 82 -27.16 3.50 -14.51
CA LYS B 82 -26.66 3.17 -13.18
C LYS B 82 -26.64 1.67 -12.98
N GLY B 83 -25.45 1.13 -12.65
CA GLY B 83 -25.30 -0.26 -12.26
C GLY B 83 -24.92 -1.18 -13.42
N GLN B 84 -24.84 -0.63 -14.64
CA GLN B 84 -24.46 -1.38 -15.81
C GLN B 84 -22.96 -1.24 -16.09
N GLN B 85 -22.41 -2.24 -16.76
CA GLN B 85 -20.98 -2.33 -17.04
C GLN B 85 -20.73 -1.78 -18.46
N TYR B 86 -19.60 -1.11 -18.64
CA TYR B 86 -19.26 -0.50 -19.91
C TYR B 86 -17.80 -0.81 -20.28
N ASP B 87 -17.51 -0.81 -21.59
CA ASP B 87 -16.20 -1.10 -22.12
C ASP B 87 -15.72 0.05 -23.00
N ILE B 88 -14.86 0.92 -22.44
CA ILE B 88 -14.34 2.05 -23.19
C ILE B 88 -13.02 1.66 -23.88
N LYS B 89 -12.84 2.06 -25.14
CA LYS B 89 -11.60 1.87 -25.87
C LYS B 89 -11.11 3.21 -26.40
N TYR B 90 -10.13 3.81 -25.70
CA TYR B 90 -9.69 5.15 -25.98
C TYR B 90 -8.42 5.06 -26.79
N THR B 91 -8.29 5.99 -27.75
CA THR B 91 -7.12 6.06 -28.61
C THR B 91 -6.65 7.51 -28.64
N TRP B 92 -5.38 7.71 -28.27
CA TRP B 92 -4.72 9.00 -28.29
C TRP B 92 -3.40 8.85 -29.04
N ASN B 93 -3.19 9.72 -30.04
CA ASN B 93 -1.96 9.71 -30.81
C ASN B 93 -0.93 10.56 -30.06
N VAL B 94 0.20 9.93 -29.72
CA VAL B 94 1.30 10.62 -29.08
C VAL B 94 1.96 11.50 -30.12
N PRO B 95 2.06 12.83 -29.86
CA PRO B 95 2.76 13.73 -30.78
C PRO B 95 4.24 13.36 -30.87
N LYS B 96 4.86 13.60 -32.03
CA LYS B 96 6.26 13.26 -32.27
C LYS B 96 7.17 14.01 -31.30
N ILE B 97 6.80 15.26 -30.97
CA ILE B 97 7.60 16.13 -30.10
C ILE B 97 7.28 15.92 -28.62
N ALA B 98 6.50 14.89 -28.26
CA ALA B 98 6.21 14.57 -26.86
C ALA B 98 7.48 14.26 -26.09
N PRO B 99 7.74 14.88 -24.90
CA PRO B 99 9.05 14.76 -24.27
C PRO B 99 9.27 13.38 -23.66
N LYS B 100 10.46 12.80 -23.91
CA LYS B 100 10.81 11.46 -23.47
C LYS B 100 11.10 11.47 -21.96
N SER B 101 10.81 10.37 -21.27
CA SER B 101 10.90 10.33 -19.81
C SER B 101 10.72 8.91 -19.28
N GLU B 102 11.41 8.63 -18.16
CA GLU B 102 11.30 7.34 -17.48
C GLU B 102 10.51 7.46 -16.17
N ASN B 103 9.93 8.64 -15.91
CA ASN B 103 9.11 8.82 -14.72
C ASN B 103 7.82 9.54 -15.11
N VAL B 104 6.68 8.84 -15.13
CA VAL B 104 5.45 9.44 -15.64
C VAL B 104 4.25 8.99 -14.82
N VAL B 105 3.64 9.99 -14.14
CA VAL B 105 2.43 9.78 -13.34
C VAL B 105 1.26 10.42 -14.09
N VAL B 106 0.23 9.64 -14.45
CA VAL B 106 -0.93 10.17 -15.16
C VAL B 106 -2.20 9.95 -14.32
N THR B 107 -2.96 11.03 -14.05
CA THR B 107 -4.24 10.93 -13.36
C THR B 107 -5.36 11.19 -14.35
N VAL B 108 -6.33 10.27 -14.47
CA VAL B 108 -7.50 10.46 -15.33
C VAL B 108 -8.79 10.40 -14.51
N LYS B 109 -9.54 11.52 -14.48
CA LYS B 109 -10.83 11.60 -13.80
C LYS B 109 -11.93 11.77 -14.84
N VAL B 110 -13.00 10.99 -14.73
CA VAL B 110 -14.13 11.14 -15.64
C VAL B 110 -15.32 11.69 -14.86
N MET B 111 -15.84 12.85 -15.27
CA MET B 111 -16.96 13.49 -14.59
C MET B 111 -18.25 13.11 -15.32
N GLY B 112 -19.30 12.82 -14.58
CA GLY B 112 -20.64 12.67 -15.15
C GLY B 112 -21.59 13.78 -14.67
N ASP B 113 -22.87 13.62 -15.01
CA ASP B 113 -23.88 14.59 -14.65
C ASP B 113 -24.00 14.69 -13.12
N ASN B 114 -23.98 13.55 -12.43
CA ASN B 114 -24.25 13.52 -11.00
C ASN B 114 -23.00 13.33 -10.14
N GLY B 115 -21.82 13.34 -10.73
CA GLY B 115 -20.57 13.26 -9.96
C GLY B 115 -19.50 12.46 -10.70
N VAL B 116 -18.35 12.30 -10.05
CA VAL B 116 -17.23 11.53 -10.57
C VAL B 116 -17.69 10.12 -10.97
N LEU B 117 -17.35 9.73 -12.21
CA LEU B 117 -17.75 8.43 -12.72
C LEU B 117 -16.74 7.36 -12.33
N ALA B 118 -15.46 7.80 -12.27
CA ALA B 118 -14.28 6.95 -12.24
C ALA B 118 -13.00 7.79 -12.18
N CYS B 119 -11.96 7.25 -11.54
CA CYS B 119 -10.69 7.94 -11.41
C CYS B 119 -9.56 6.94 -11.16
N ALA B 120 -8.42 7.18 -11.83
CA ALA B 120 -7.23 6.33 -11.68
C ALA B 120 -5.93 7.10 -11.93
N ILE B 121 -4.87 6.68 -11.24
CA ILE B 121 -3.52 7.15 -11.47
C ILE B 121 -2.68 5.97 -11.93
N ALA B 122 -1.81 6.26 -12.91
CA ALA B 122 -0.88 5.31 -13.49
C ALA B 122 0.54 5.85 -13.40
N THR B 123 1.46 5.04 -12.89
CA THR B 123 2.80 5.53 -12.59
C THR B 123 3.86 4.91 -13.49
N HIS B 124 3.46 3.96 -14.36
CA HIS B 124 4.39 3.04 -14.99
C HIS B 124 4.66 3.37 -16.46
N ALA B 125 3.94 4.36 -17.00
CA ALA B 125 4.16 4.84 -18.34
C ALA B 125 5.59 5.36 -18.41
N LYS B 126 6.22 5.07 -19.54
CA LYS B 126 7.51 5.63 -19.92
C LYS B 126 7.39 6.10 -21.38
N ILE B 127 7.86 7.31 -21.67
CA ILE B 127 7.80 7.83 -23.02
C ILE B 127 9.17 7.62 -23.65
N ARG B 128 9.17 7.06 -24.87
CA ARG B 128 10.40 6.78 -25.60
C ARG B 128 10.14 7.08 -27.08
N ASP B 129 11.11 6.79 -27.95
CA ASP B 129 10.92 6.95 -29.39
C ASP B 129 10.24 5.68 -29.91
N GLU C 1 -10.79 -3.99 14.21
CA GLU C 1 -9.45 -3.64 13.65
C GLU C 1 -9.48 -2.19 13.18
N VAL C 2 -10.41 -1.91 12.26
CA VAL C 2 -10.63 -0.58 11.74
C VAL C 2 -11.14 0.30 12.89
N GLN C 3 -10.42 1.37 13.22
CA GLN C 3 -10.80 2.22 14.33
C GLN C 3 -10.49 3.70 14.03
N LEU C 4 -11.42 4.59 14.41
CA LEU C 4 -11.24 6.04 14.36
C LEU C 4 -11.47 6.61 15.76
N VAL C 5 -10.59 7.50 16.24
CA VAL C 5 -10.67 8.07 17.58
C VAL C 5 -10.58 9.59 17.48
N GLU C 6 -11.69 10.26 17.83
CA GLU C 6 -11.83 11.71 17.75
C GLU C 6 -11.41 12.36 19.08
N SER C 7 -11.02 13.64 18.99
CA SER C 7 -10.71 14.44 20.17
C SER C 7 -10.66 15.90 19.78
N GLY C 8 -10.75 16.80 20.78
CA GLY C 8 -10.50 18.21 20.57
C GLY C 8 -11.74 19.08 20.80
N GLY C 9 -12.89 18.46 21.09
CA GLY C 9 -14.10 19.21 21.37
C GLY C 9 -13.99 20.02 22.66
N GLY C 10 -14.96 20.89 22.95
CA GLY C 10 -14.93 21.66 24.19
C GLY C 10 -15.94 22.82 24.23
N LEU C 11 -16.08 23.43 25.42
CA LEU C 11 -16.92 24.61 25.58
C LEU C 11 -16.16 25.81 25.03
N VAL C 12 -16.79 26.52 24.08
CA VAL C 12 -16.15 27.66 23.42
C VAL C 12 -17.15 28.82 23.31
N GLN C 13 -16.65 30.06 23.47
CA GLN C 13 -17.48 31.25 23.35
C GLN C 13 -17.74 31.49 21.87
N PRO C 14 -18.82 32.18 21.46
CA PRO C 14 -19.01 32.51 20.06
C PRO C 14 -17.78 33.26 19.57
N GLY C 15 -17.32 32.94 18.36
CA GLY C 15 -16.11 33.52 17.80
C GLY C 15 -14.82 32.77 18.17
N GLY C 16 -14.93 31.79 19.08
CA GLY C 16 -13.79 30.98 19.47
C GLY C 16 -13.45 29.96 18.40
N SER C 17 -12.44 29.11 18.71
CA SER C 17 -11.84 28.20 17.74
C SER C 17 -11.43 26.90 18.43
N LEU C 18 -11.53 25.81 17.65
CA LEU C 18 -11.12 24.49 18.10
C LEU C 18 -10.50 23.72 16.95
N ARG C 19 -9.63 22.77 17.31
CA ARG C 19 -9.01 21.89 16.35
C ARG C 19 -9.40 20.47 16.72
N LEU C 20 -10.04 19.77 15.79
CA LEU C 20 -10.46 18.39 16.00
C LEU C 20 -9.48 17.46 15.29
N SER C 21 -9.05 16.41 15.99
CA SER C 21 -8.29 15.36 15.34
C SER C 21 -9.15 14.09 15.32
N CYS C 22 -8.93 13.25 14.31
CA CYS C 22 -9.50 11.92 14.20
C CYS C 22 -8.34 10.96 13.92
N ALA C 23 -7.97 10.14 14.90
CA ALA C 23 -6.80 9.27 14.78
C ALA C 23 -7.22 7.86 14.33
N ALA C 24 -6.80 7.49 13.12
CA ALA C 24 -7.25 6.24 12.52
C ALA C 24 -6.24 5.12 12.76
N SER C 25 -6.72 3.87 12.63
CA SER C 25 -5.88 2.69 12.75
C SER C 25 -6.59 1.48 12.14
N GLY C 26 -5.80 0.53 11.62
CA GLY C 26 -6.33 -0.75 11.15
C GLY C 26 -6.67 -0.78 9.66
N PHE C 27 -6.17 0.18 8.89
CA PHE C 27 -6.38 0.21 7.46
C PHE C 27 -5.35 1.16 6.85
N THR C 28 -5.11 1.05 5.53
CA THR C 28 -4.22 2.01 4.89
C THR C 28 -4.97 3.33 4.79
N PHE C 29 -4.73 4.18 5.79
CA PHE C 29 -5.37 5.48 5.88
C PHE C 29 -5.38 6.19 4.54
N SER C 30 -4.23 6.25 3.86
CA SER C 30 -4.07 7.11 2.69
C SER C 30 -4.86 6.62 1.48
N SER C 31 -5.35 5.37 1.51
CA SER C 31 -6.09 4.79 0.39
C SER C 31 -7.56 5.21 0.34
N TYR C 32 -8.00 5.99 1.36
CA TYR C 32 -9.41 6.19 1.67
C TYR C 32 -9.69 7.63 2.08
N ALA C 33 -10.77 8.19 1.53
CA ALA C 33 -11.27 9.49 1.94
C ALA C 33 -11.92 9.39 3.30
N ILE C 34 -11.76 10.46 4.11
CA ILE C 34 -12.38 10.53 5.43
C ILE C 34 -13.12 11.86 5.59
N HIS C 35 -14.32 11.77 6.17
CA HIS C 35 -15.28 12.86 6.20
C HIS C 35 -15.72 13.16 7.63
N TRP C 36 -16.14 14.42 7.86
CA TRP C 36 -16.76 14.83 9.10
C TRP C 36 -18.28 14.92 8.95
N VAL C 37 -19.00 14.34 9.90
CA VAL C 37 -20.44 14.46 9.97
C VAL C 37 -20.81 14.87 11.39
N ARG C 38 -21.60 15.95 11.51
CA ARG C 38 -21.99 16.48 12.81
C ARG C 38 -23.48 16.24 13.03
N GLN C 39 -23.91 16.38 14.28
CA GLN C 39 -25.28 16.12 14.72
C GLN C 39 -25.59 16.97 15.95
N ALA C 40 -26.46 17.97 15.77
CA ALA C 40 -26.87 18.82 16.87
C ALA C 40 -27.67 18.00 17.87
N PRO C 41 -27.64 18.33 19.18
CA PRO C 41 -28.43 17.59 20.18
C PRO C 41 -29.88 17.34 19.76
N GLY C 42 -30.23 16.05 19.72
CA GLY C 42 -31.60 15.60 19.48
C GLY C 42 -32.05 15.83 18.05
N LYS C 43 -31.09 15.94 17.12
CA LYS C 43 -31.40 16.26 15.73
C LYS C 43 -30.78 15.22 14.83
N GLY C 44 -30.83 15.47 13.52
CA GLY C 44 -30.30 14.55 12.52
C GLY C 44 -28.86 14.81 12.14
N LEU C 45 -28.35 13.94 11.27
CA LEU C 45 -26.99 14.01 10.76
C LEU C 45 -26.90 15.11 9.72
N GLU C 46 -25.80 15.86 9.81
CA GLU C 46 -25.49 16.88 8.85
C GLU C 46 -24.06 16.63 8.38
N TRP C 47 -23.88 16.56 7.07
CA TRP C 47 -22.54 16.43 6.54
C TRP C 47 -21.81 17.77 6.63
N VAL C 48 -20.52 17.71 6.95
CA VAL C 48 -19.74 18.90 7.23
C VAL C 48 -18.66 19.10 6.17
N SER C 49 -17.74 18.12 6.13
CA SER C 49 -16.61 18.18 5.21
C SER C 49 -16.08 16.79 4.87
N GLY C 50 -15.38 16.73 3.73
CA GLY C 50 -14.69 15.54 3.28
C GLY C 50 -13.37 15.92 2.59
N LEU C 51 -12.56 14.88 2.31
CA LEU C 51 -11.17 15.00 1.88
C LEU C 51 -10.76 13.68 1.27
N SER C 52 -10.25 13.71 0.03
CA SER C 52 -9.78 12.50 -0.62
C SER C 52 -8.52 11.96 0.07
N GLY C 53 -8.14 10.71 -0.24
CA GLY C 53 -7.04 10.03 0.42
C GLY C 53 -5.72 10.81 0.35
N GLY C 54 -5.52 11.53 -0.77
CA GLY C 54 -4.29 12.28 -1.00
C GLY C 54 -4.30 13.69 -0.39
N GLY C 55 -5.44 14.10 0.18
CA GLY C 55 -5.61 15.46 0.67
C GLY C 55 -5.91 16.44 -0.46
N GLY C 56 -6.18 15.91 -1.67
CA GLY C 56 -6.35 16.71 -2.87
C GLY C 56 -7.67 17.48 -2.87
N ASP C 57 -8.79 16.77 -2.57
CA ASP C 57 -10.13 17.29 -2.75
C ASP C 57 -10.72 17.62 -1.39
N THR C 58 -10.62 18.91 -1.01
CA THR C 58 -11.37 19.39 0.13
C THR C 58 -12.76 19.81 -0.39
N ASP C 59 -13.79 19.39 0.37
CA ASP C 59 -15.16 19.80 0.12
C ASP C 59 -15.84 20.12 1.45
N TYR C 60 -16.65 21.19 1.47
CA TYR C 60 -17.30 21.66 2.69
C TYR C 60 -18.79 21.91 2.42
N ALA C 61 -19.58 22.06 3.49
CA ALA C 61 -20.99 22.40 3.38
C ALA C 61 -21.14 23.91 3.45
N ASP C 62 -22.10 24.47 2.69
CA ASP C 62 -22.23 25.93 2.60
C ASP C 62 -22.30 26.56 3.99
N SER C 63 -22.86 25.81 4.96
CA SER C 63 -23.04 26.29 6.31
C SER C 63 -21.69 26.52 6.98
N VAL C 64 -20.72 25.62 6.77
CA VAL C 64 -19.42 25.67 7.46
C VAL C 64 -18.37 26.31 6.54
N LYS C 65 -18.71 26.50 5.26
CA LYS C 65 -17.74 27.04 4.31
C LYS C 65 -17.16 28.34 4.85
N GLY C 66 -15.83 28.49 4.78
CA GLY C 66 -15.16 29.72 5.14
C GLY C 66 -14.62 29.73 6.58
N ARG C 67 -15.20 28.90 7.45
CA ARG C 67 -14.84 28.94 8.87
C ARG C 67 -14.17 27.65 9.28
N LEU C 68 -14.45 26.58 8.53
CA LEU C 68 -13.79 25.31 8.79
C LEU C 68 -12.83 24.98 7.66
N THR C 69 -11.73 24.30 8.00
CA THR C 69 -10.82 23.74 7.01
C THR C 69 -10.41 22.33 7.44
N ILE C 70 -10.35 21.42 6.48
CA ILE C 70 -10.10 20.02 6.76
C ILE C 70 -8.67 19.69 6.29
N SER C 71 -8.01 18.71 6.91
CA SER C 71 -6.67 18.35 6.48
C SER C 71 -6.28 16.95 6.96
N ARG C 72 -5.26 16.37 6.32
CA ARG C 72 -4.70 15.07 6.67
C ARG C 72 -3.22 15.22 6.98
N ASP C 73 -2.72 14.31 7.82
CA ASP C 73 -1.31 13.96 7.90
C ASP C 73 -1.24 12.44 7.77
N ASN C 74 -0.75 11.94 6.63
CA ASN C 74 -0.88 10.52 6.35
C ASN C 74 0.19 9.74 7.12
N SER C 75 1.37 10.35 7.33
CA SER C 75 2.38 9.69 8.15
C SER C 75 1.81 9.40 9.54
N LYS C 76 1.06 10.37 10.09
CA LYS C 76 0.50 10.27 11.42
C LYS C 76 -0.86 9.57 11.40
N LYS C 77 -1.38 9.20 10.23
CA LYS C 77 -2.70 8.58 10.11
C LYS C 77 -3.79 9.38 10.84
N THR C 78 -3.91 10.70 10.60
CA THR C 78 -4.83 11.55 11.35
C THR C 78 -5.48 12.60 10.44
N LEU C 79 -6.80 12.76 10.67
CA LEU C 79 -7.62 13.75 10.01
C LEU C 79 -7.86 14.90 10.98
N PHE C 80 -7.81 16.14 10.48
CA PHE C 80 -8.00 17.29 11.33
C PHE C 80 -9.18 18.11 10.80
N LEU C 81 -9.87 18.82 11.71
CA LEU C 81 -10.85 19.85 11.35
C LEU C 81 -10.60 21.10 12.20
N GLU C 82 -9.98 22.13 11.58
CA GLU C 82 -9.77 23.40 12.25
C GLU C 82 -11.05 24.24 12.13
N MET C 83 -11.70 24.48 13.28
CA MET C 83 -12.91 25.28 13.35
C MET C 83 -12.58 26.65 13.94
N ASN C 84 -12.82 27.71 13.17
CA ASN C 84 -12.63 29.09 13.63
C ASN C 84 -13.92 29.87 13.50
N ASN C 85 -13.94 31.01 14.22
CA ASN C 85 -15.06 31.94 14.19
C ASN C 85 -16.35 31.14 14.34
N LEU C 86 -16.39 30.36 15.43
CA LEU C 86 -17.46 29.40 15.66
C LEU C 86 -18.75 30.13 16.00
N ARG C 87 -19.87 29.47 15.74
CA ARG C 87 -21.19 30.02 15.98
C ARG C 87 -22.00 29.03 16.81
N PRO C 88 -22.97 29.48 17.62
CA PRO C 88 -23.78 28.59 18.46
C PRO C 88 -24.33 27.41 17.69
N GLU C 89 -24.86 27.65 16.51
CA GLU C 89 -25.51 26.58 15.73
C GLU C 89 -24.49 25.49 15.37
N ASP C 90 -23.19 25.79 15.49
CA ASP C 90 -22.16 24.80 15.20
C ASP C 90 -21.98 23.88 16.40
N THR C 91 -22.81 24.04 17.43
CA THR C 91 -22.74 23.17 18.61
C THR C 91 -23.32 21.82 18.21
N ALA C 92 -22.55 20.74 18.43
CA ALA C 92 -22.99 19.40 18.07
C ALA C 92 -21.90 18.38 18.39
N ILE C 93 -22.18 17.08 18.17
CA ILE C 93 -21.16 16.06 18.30
C ILE C 93 -20.58 15.84 16.90
N TYR C 94 -19.25 15.81 16.76
CA TYR C 94 -18.65 15.74 15.43
C TYR C 94 -18.04 14.36 15.21
N TYR C 95 -18.65 13.58 14.30
CA TYR C 95 -18.12 12.27 13.92
C TYR C 95 -17.19 12.40 12.70
N CYS C 96 -16.07 11.66 12.69
CA CYS C 96 -15.36 11.39 11.44
C CYS C 96 -15.81 10.01 10.92
N ALA C 97 -15.74 9.84 9.59
CA ALA C 97 -16.24 8.64 8.93
C ALA C 97 -15.40 8.30 7.70
N LYS C 98 -14.91 7.05 7.65
CA LYS C 98 -14.17 6.51 6.53
C LYS C 98 -15.15 6.23 5.39
N LEU C 99 -14.77 6.59 4.16
CA LEU C 99 -15.52 6.18 2.98
C LEU C 99 -15.01 4.82 2.50
N THR C 100 -15.68 4.24 1.50
CA THR C 100 -15.27 2.96 0.92
C THR C 100 -14.21 3.12 -0.17
N GLY C 101 -13.79 4.35 -0.49
CA GLY C 101 -12.85 4.58 -1.57
C GLY C 101 -11.96 5.79 -1.31
N TYR C 102 -11.18 6.18 -2.33
CA TYR C 102 -10.23 7.27 -2.21
C TYR C 102 -10.98 8.59 -2.39
N GLY C 103 -12.14 8.53 -3.07
CA GLY C 103 -12.80 9.74 -3.54
C GLY C 103 -14.31 9.60 -3.40
N SER C 104 -14.94 10.78 -3.25
CA SER C 104 -16.38 10.92 -3.13
C SER C 104 -16.99 10.71 -4.51
N THR C 105 -17.77 9.64 -4.65
CA THR C 105 -18.63 9.48 -5.80
C THR C 105 -20.02 9.08 -5.36
N PRO C 106 -21.04 9.13 -6.24
CA PRO C 106 -22.37 8.68 -5.90
C PRO C 106 -22.51 7.30 -5.26
N GLY C 107 -21.57 6.40 -5.53
CA GLY C 107 -21.63 5.06 -4.95
C GLY C 107 -21.08 5.00 -3.52
N SER C 108 -20.20 5.98 -3.18
CA SER C 108 -19.50 6.01 -1.90
C SER C 108 -20.44 5.82 -0.73
N TYR C 109 -19.96 5.12 0.31
CA TYR C 109 -20.66 5.10 1.58
C TYR C 109 -19.69 5.14 2.74
N MET C 110 -20.18 5.60 3.89
CA MET C 110 -19.40 5.71 5.11
C MET C 110 -19.46 4.39 5.86
N ASP C 111 -18.36 3.61 5.83
CA ASP C 111 -18.36 2.25 6.34
C ASP C 111 -17.92 2.17 7.80
N VAL C 112 -17.27 3.22 8.30
CA VAL C 112 -16.81 3.21 9.69
C VAL C 112 -16.96 4.63 10.26
N TRP C 113 -17.32 4.72 11.54
CA TRP C 113 -17.47 6.01 12.20
C TRP C 113 -16.88 5.93 13.61
N GLY C 114 -16.23 7.01 14.07
CA GLY C 114 -15.79 7.14 15.46
C GLY C 114 -16.95 7.28 16.45
N LYS C 115 -16.60 7.25 17.75
CA LYS C 115 -17.56 7.47 18.83
C LYS C 115 -17.98 8.94 18.92
N GLY C 116 -17.29 9.85 18.23
CA GLY C 116 -17.66 11.26 18.22
C GLY C 116 -16.94 12.06 19.31
N THR C 117 -16.87 13.39 19.12
CA THR C 117 -16.40 14.33 20.14
C THR C 117 -17.35 15.51 20.13
N THR C 118 -17.50 16.20 21.27
CA THR C 118 -18.60 17.14 21.45
C THR C 118 -18.09 18.58 21.44
N VAL C 119 -18.65 19.39 20.53
CA VAL C 119 -18.34 20.81 20.47
C VAL C 119 -19.53 21.59 21.02
N SER C 120 -19.31 22.49 21.99
CA SER C 120 -20.37 23.38 22.40
C SER C 120 -19.92 24.83 22.33
N VAL C 121 -20.75 25.63 21.69
CA VAL C 121 -20.49 27.04 21.48
C VAL C 121 -21.61 27.80 22.15
N SER C 122 -21.26 28.59 23.18
CA SER C 122 -22.26 29.30 23.95
C SER C 122 -21.67 30.55 24.60
N SER C 123 -22.49 31.60 24.66
CA SER C 123 -22.19 32.85 25.34
C SER C 123 -22.39 32.70 26.86
N ALA C 124 -22.99 31.57 27.25
CA ALA C 124 -22.97 31.07 28.62
C ALA C 124 -21.54 30.86 29.08
N SER C 125 -21.35 30.80 30.40
CA SER C 125 -20.06 30.46 30.96
C SER C 125 -20.30 29.42 32.05
N THR C 126 -19.24 28.69 32.39
CA THR C 126 -19.36 27.63 33.37
C THR C 126 -19.89 28.24 34.67
N LYS C 127 -20.99 27.65 35.16
CA LYS C 127 -21.59 28.06 36.42
C LYS C 127 -22.13 26.82 37.09
N GLY C 128 -21.75 26.59 38.35
CA GLY C 128 -22.33 25.51 39.14
C GLY C 128 -23.84 25.69 39.40
N PRO C 129 -24.55 24.60 39.74
CA PRO C 129 -26.01 24.65 39.95
C PRO C 129 -26.36 25.27 41.29
N SER C 130 -27.52 25.92 41.37
CA SER C 130 -28.24 26.15 42.63
C SER C 130 -29.08 24.92 42.95
N VAL C 131 -28.97 24.40 44.19
CA VAL C 131 -29.66 23.18 44.55
C VAL C 131 -30.73 23.46 45.59
N PHE C 132 -31.98 23.13 45.25
CA PHE C 132 -33.12 23.41 46.10
C PHE C 132 -33.84 22.12 46.52
N PRO C 133 -34.29 22.03 47.78
CA PRO C 133 -35.02 20.86 48.24
C PRO C 133 -36.45 20.83 47.69
N LEU C 134 -36.89 19.64 47.25
CA LEU C 134 -38.28 19.39 46.97
C LEU C 134 -38.87 18.55 48.11
N ALA C 135 -39.34 19.24 49.16
CA ALA C 135 -39.80 18.59 50.37
C ALA C 135 -40.95 17.62 50.09
N PRO C 136 -41.10 16.52 50.90
CA PRO C 136 -42.13 15.52 50.64
C PRO C 136 -43.54 16.06 50.91
N SER C 137 -44.52 15.60 50.11
CA SER C 137 -45.90 16.08 50.23
C SER C 137 -46.43 15.82 51.63
N SER C 138 -47.05 16.84 52.23
CA SER C 138 -47.67 16.68 53.54
C SER C 138 -48.80 15.65 53.47
N LYS C 139 -49.55 15.65 52.36
CA LYS C 139 -50.63 14.70 52.15
C LYS C 139 -50.09 13.34 51.67
N SER C 140 -48.76 13.24 51.48
CA SER C 140 -48.15 12.02 50.99
C SER C 140 -48.90 11.55 49.74
N THR C 141 -49.22 10.25 49.66
CA THR C 141 -50.00 9.69 48.56
C THR C 141 -51.10 8.80 49.15
N SER C 142 -52.03 8.33 48.30
CA SER C 142 -53.01 7.35 48.73
C SER C 142 -52.27 6.12 49.27
N GLY C 143 -51.14 5.77 48.62
CA GLY C 143 -50.29 4.68 49.07
C GLY C 143 -49.34 5.17 50.17
N GLY C 144 -48.60 4.25 50.79
CA GLY C 144 -47.70 4.60 51.88
C GLY C 144 -46.38 5.13 51.35
N THR C 145 -46.38 5.66 50.12
CA THR C 145 -45.17 6.15 49.47
C THR C 145 -45.12 7.66 49.54
N ALA C 146 -43.92 8.24 49.67
CA ALA C 146 -43.73 9.68 49.65
C ALA C 146 -42.73 10.02 48.55
N ALA C 147 -42.91 11.18 47.89
CA ALA C 147 -41.96 11.62 46.87
C ALA C 147 -41.24 12.87 47.35
N LEU C 148 -39.92 12.79 47.54
CA LEU C 148 -39.11 13.95 47.84
C LEU C 148 -37.99 14.03 46.82
N GLY C 149 -37.34 15.20 46.65
CA GLY C 149 -36.32 15.32 45.63
C GLY C 149 -35.49 16.60 45.74
N CYS C 150 -34.69 16.89 44.71
CA CYS C 150 -33.86 18.08 44.66
C CYS C 150 -34.00 18.74 43.30
N LEU C 151 -34.04 20.09 43.26
CA LEU C 151 -34.07 20.79 41.98
C LEU C 151 -32.69 21.35 41.68
N VAL C 152 -32.03 20.86 40.61
CA VAL C 152 -30.73 21.37 40.18
C VAL C 152 -31.00 22.41 39.12
N LYS C 153 -30.79 23.71 39.43
CA LYS C 153 -31.26 24.75 38.51
C LYS C 153 -30.11 25.68 38.09
N ASP C 154 -30.13 26.12 36.83
CA ASP C 154 -29.17 27.10 36.33
C ASP C 154 -27.74 26.58 36.45
N TYR C 155 -27.39 25.59 35.61
CA TYR C 155 -26.03 25.06 35.59
C TYR C 155 -25.51 25.00 34.16
N PHE C 156 -24.20 25.21 33.97
CA PHE C 156 -23.57 25.10 32.66
C PHE C 156 -22.10 24.76 32.85
N PRO C 157 -21.51 23.90 31.98
CA PRO C 157 -22.27 23.07 31.04
C PRO C 157 -22.65 21.74 31.66
N GLU C 158 -23.13 20.81 30.82
CA GLU C 158 -23.38 19.45 31.29
C GLU C 158 -22.05 18.71 31.40
N PRO C 159 -21.94 17.57 32.12
CA PRO C 159 -23.05 16.93 32.82
C PRO C 159 -23.11 17.15 34.32
N VAL C 160 -24.30 16.95 34.91
CA VAL C 160 -24.47 16.93 36.36
C VAL C 160 -24.91 15.53 36.77
N THR C 161 -24.27 14.95 37.80
CA THR C 161 -24.66 13.63 38.31
C THR C 161 -25.28 13.81 39.70
N VAL C 162 -26.43 13.17 39.95
CA VAL C 162 -27.10 13.31 41.25
C VAL C 162 -27.18 11.96 41.95
N SER C 163 -26.65 11.87 43.17
CA SER C 163 -26.71 10.67 43.98
C SER C 163 -27.46 10.96 45.26
N TRP C 164 -28.16 9.95 45.81
CA TRP C 164 -28.89 10.11 47.06
C TRP C 164 -28.20 9.31 48.16
N ASN C 165 -27.88 9.98 49.28
CA ASN C 165 -27.21 9.37 50.41
C ASN C 165 -25.90 8.71 49.96
N SER C 166 -25.09 9.47 49.19
CA SER C 166 -23.77 9.02 48.74
C SER C 166 -23.86 7.68 48.02
N GLY C 167 -24.98 7.40 47.33
CA GLY C 167 -25.09 6.20 46.52
C GLY C 167 -25.60 4.99 47.29
N ALA C 168 -25.81 5.15 48.60
CA ALA C 168 -26.38 4.08 49.42
C ALA C 168 -27.82 3.82 48.99
N LEU C 169 -28.54 4.88 48.59
CA LEU C 169 -29.95 4.79 48.22
C LEU C 169 -30.07 4.77 46.70
N THR C 170 -30.62 3.68 46.15
CA THR C 170 -30.73 3.54 44.71
C THR C 170 -32.11 3.00 44.32
N SER C 171 -33.01 2.83 45.30
CA SER C 171 -34.29 2.17 45.07
C SER C 171 -35.24 3.06 44.27
N GLY C 172 -35.85 4.06 44.92
CA GLY C 172 -36.84 4.89 44.26
C GLY C 172 -36.23 6.09 43.55
N VAL C 173 -34.90 6.16 43.49
CA VAL C 173 -34.21 7.28 42.86
C VAL C 173 -34.53 7.27 41.37
N HIS C 174 -34.95 8.42 40.83
CA HIS C 174 -35.14 8.58 39.40
C HIS C 174 -34.72 9.99 39.01
N THR C 175 -33.45 10.17 38.59
CA THR C 175 -32.98 11.45 38.11
C THR C 175 -33.56 11.65 36.71
N PHE C 176 -33.96 12.89 36.38
CA PHE C 176 -34.67 13.12 35.13
C PHE C 176 -33.75 13.80 34.12
N PRO C 177 -33.98 13.63 32.81
CA PRO C 177 -33.24 14.39 31.80
C PRO C 177 -33.39 15.88 32.09
N ALA C 178 -32.44 16.67 31.61
CA ALA C 178 -32.40 18.10 31.91
C ALA C 178 -33.08 18.91 30.82
N VAL C 179 -33.35 20.19 31.13
CA VAL C 179 -34.07 21.07 30.19
C VAL C 179 -33.14 22.24 29.87
N LEU C 180 -33.01 22.56 28.57
CA LEU C 180 -32.22 23.71 28.17
C LEU C 180 -33.19 24.88 28.11
N GLN C 181 -32.91 25.95 28.87
CA GLN C 181 -33.84 27.06 28.99
C GLN C 181 -33.46 28.18 28.04
N SER C 182 -34.30 29.21 27.97
CA SER C 182 -34.00 30.42 27.20
C SER C 182 -32.69 31.02 27.70
N SER C 183 -32.45 30.92 29.01
CA SER C 183 -31.23 31.44 29.60
C SER C 183 -30.00 30.81 28.96
N GLY C 184 -30.16 29.60 28.40
CA GLY C 184 -29.04 28.82 27.91
C GLY C 184 -28.38 28.05 29.05
N LEU C 185 -29.05 28.03 30.21
CA LEU C 185 -28.59 27.28 31.37
C LEU C 185 -29.45 26.04 31.51
N TYR C 186 -28.90 24.98 32.12
CA TYR C 186 -29.61 23.70 32.21
C TYR C 186 -30.22 23.55 33.59
N SER C 187 -31.29 22.74 33.69
CA SER C 187 -31.90 22.45 34.97
C SER C 187 -32.41 21.01 34.95
N LEU C 188 -32.25 20.30 36.08
CA LEU C 188 -32.70 18.91 36.20
C LEU C 188 -33.25 18.69 37.60
N SER C 189 -34.01 17.61 37.80
CA SER C 189 -34.50 17.24 39.11
C SER C 189 -34.35 15.74 39.33
N SER C 190 -34.04 15.31 40.56
CA SER C 190 -34.05 13.90 40.93
C SER C 190 -35.09 13.68 42.04
N VAL C 191 -35.87 12.60 41.95
CA VAL C 191 -36.93 12.32 42.92
C VAL C 191 -36.70 10.92 43.52
N VAL C 192 -37.06 10.72 44.80
CA VAL C 192 -36.95 9.40 45.43
C VAL C 192 -38.31 9.04 46.01
N THR C 193 -38.99 8.05 45.43
CA THR C 193 -40.23 7.54 46.02
C THR C 193 -39.84 6.66 47.20
N VAL C 194 -40.11 7.11 48.43
CA VAL C 194 -39.68 6.40 49.64
C VAL C 194 -40.89 6.12 50.55
N PRO C 195 -40.79 5.15 51.50
CA PRO C 195 -41.85 4.88 52.47
C PRO C 195 -42.20 6.11 53.30
N SER C 196 -43.49 6.42 53.46
CA SER C 196 -43.91 7.60 54.20
C SER C 196 -43.62 7.46 55.70
N SER C 197 -43.52 6.21 56.16
CA SER C 197 -43.27 5.92 57.56
C SER C 197 -41.84 6.29 57.97
N SER C 198 -40.94 6.37 56.99
CA SER C 198 -39.53 6.60 57.26
C SER C 198 -39.21 8.09 57.44
N LEU C 199 -40.06 8.99 56.91
CA LEU C 199 -39.75 10.40 56.80
C LEU C 199 -39.18 10.95 58.09
N GLY C 200 -39.80 10.68 59.24
CA GLY C 200 -39.33 11.27 60.49
C GLY C 200 -37.93 10.81 60.83
N THR C 201 -37.69 9.50 60.66
CA THR C 201 -36.54 8.82 61.24
C THR C 201 -35.34 8.89 60.29
N GLN C 202 -35.59 8.61 59.00
CA GLN C 202 -34.56 8.43 57.98
C GLN C 202 -34.24 9.76 57.27
N THR C 203 -32.95 10.01 57.07
CA THR C 203 -32.50 11.27 56.49
C THR C 203 -32.13 11.00 55.03
N TYR C 204 -32.61 11.87 54.15
CA TYR C 204 -32.25 11.82 52.73
C TYR C 204 -31.38 13.02 52.36
N ILE C 205 -30.14 12.78 51.92
CA ILE C 205 -29.32 13.86 51.36
C ILE C 205 -29.15 13.61 49.87
N CYS C 206 -29.28 14.65 49.05
CA CYS C 206 -29.00 14.51 47.63
C CYS C 206 -27.63 15.13 47.31
N ASN C 207 -26.87 14.35 46.55
CA ASN C 207 -25.50 14.68 46.19
C ASN C 207 -25.49 15.08 44.72
N VAL C 208 -25.31 16.39 44.51
CA VAL C 208 -25.35 16.99 43.19
C VAL C 208 -23.93 17.37 42.79
N ASN C 209 -23.43 16.72 41.75
CA ASN C 209 -22.04 16.89 41.39
C ASN C 209 -22.00 17.51 39.99
N HIS C 210 -21.22 18.59 39.85
CA HIS C 210 -20.99 19.27 38.58
C HIS C 210 -19.50 19.39 38.30
N LYS C 211 -18.92 18.36 37.64
CA LYS C 211 -17.48 18.29 37.43
C LYS C 211 -17.01 19.60 36.79
N PRO C 212 -17.61 20.08 35.68
CA PRO C 212 -17.19 21.33 35.04
C PRO C 212 -16.89 22.53 35.94
N SER C 213 -17.73 22.76 36.96
CA SER C 213 -17.55 23.89 37.87
C SER C 213 -16.78 23.48 39.13
N ASN C 214 -16.43 22.18 39.24
CA ASN C 214 -15.59 21.67 40.32
C ASN C 214 -16.29 21.86 41.67
N THR C 215 -17.62 21.73 41.68
CA THR C 215 -18.43 21.88 42.88
C THR C 215 -19.36 20.69 42.97
N LYS C 216 -19.48 20.19 44.20
CA LYS C 216 -20.52 19.25 44.57
C LYS C 216 -21.35 19.93 45.65
N VAL C 217 -22.66 19.70 45.61
CA VAL C 217 -23.56 20.27 46.60
C VAL C 217 -24.31 19.13 47.25
N ASP C 218 -24.50 19.21 48.59
CA ASP C 218 -25.11 18.15 49.38
C ASP C 218 -26.29 18.73 50.17
N LYS C 219 -27.49 18.62 49.61
CA LYS C 219 -28.64 19.20 50.24
C LYS C 219 -29.40 18.11 50.99
N LYS C 220 -29.69 18.36 52.27
CA LYS C 220 -30.59 17.50 53.02
C LYS C 220 -32.02 17.98 52.78
N VAL C 221 -32.89 17.04 52.43
CA VAL C 221 -34.28 17.32 52.12
C VAL C 221 -35.09 16.85 53.32
N GLU C 222 -35.74 17.81 54.01
CA GLU C 222 -36.58 17.56 55.18
C GLU C 222 -38.02 17.93 54.83
N PRO C 223 -39.05 17.37 55.52
CA PRO C 223 -40.44 17.85 55.36
C PRO C 223 -40.57 19.33 55.70
N LYS C 224 -41.44 20.03 54.96
CA LYS C 224 -41.58 21.47 55.08
C LYS C 224 -42.32 21.79 56.38
N SER C 225 -41.93 22.88 57.06
CA SER C 225 -42.59 23.25 58.31
C SER C 225 -43.14 24.68 58.28
N CYS C 226 -44.35 24.82 58.84
CA CYS C 226 -45.06 26.09 58.97
C CYS C 226 -44.84 26.66 60.38
N SER D 1 20.22 -29.62 -7.75
CA SER D 1 19.13 -28.91 -8.48
C SER D 1 19.14 -29.34 -9.95
N PHE D 2 18.04 -29.10 -10.68
CA PHE D 2 18.00 -29.42 -12.10
C PHE D 2 18.97 -28.47 -12.81
N GLU D 3 19.44 -28.85 -14.02
CA GLU D 3 20.40 -28.06 -14.76
C GLU D 3 19.83 -27.68 -16.13
N LEU D 4 20.10 -26.46 -16.57
CA LEU D 4 19.69 -26.01 -17.90
C LEU D 4 20.92 -25.92 -18.79
N THR D 5 20.92 -26.60 -19.95
CA THR D 5 22.07 -26.57 -20.85
C THR D 5 21.75 -25.69 -22.06
N GLN D 6 22.67 -24.75 -22.29
CA GLN D 6 22.64 -23.89 -23.46
C GLN D 6 23.95 -24.08 -24.23
N PRO D 7 23.93 -23.96 -25.58
CA PRO D 7 25.16 -23.91 -26.36
C PRO D 7 26.04 -22.77 -25.86
N PRO D 8 27.38 -22.93 -25.80
CA PRO D 8 28.25 -21.84 -25.37
C PRO D 8 28.27 -20.62 -26.29
N SER D 9 28.01 -20.81 -27.59
CA SER D 9 28.08 -19.68 -28.51
C SER D 9 27.19 -19.84 -29.74
N VAL D 10 26.77 -18.70 -30.31
CA VAL D 10 26.02 -18.66 -31.57
C VAL D 10 26.50 -17.45 -32.39
N SER D 11 26.87 -17.69 -33.66
CA SER D 11 27.30 -16.63 -34.56
C SER D 11 26.27 -16.45 -35.67
N VAL D 12 26.04 -15.20 -36.06
CA VAL D 12 25.04 -14.93 -37.07
C VAL D 12 25.49 -13.72 -37.89
N SER D 13 25.21 -13.76 -39.20
CA SER D 13 25.45 -12.62 -40.08
C SER D 13 24.34 -11.57 -39.87
N PRO D 14 24.63 -10.27 -40.10
CA PRO D 14 23.66 -9.22 -39.82
C PRO D 14 22.35 -9.46 -40.57
N GLY D 15 21.24 -9.30 -39.85
CA GLY D 15 19.91 -9.41 -40.43
C GLY D 15 19.42 -10.86 -40.48
N GLN D 16 20.31 -11.81 -40.15
CA GLN D 16 19.95 -13.21 -40.15
C GLN D 16 19.31 -13.54 -38.82
N THR D 17 18.42 -14.54 -38.80
CA THR D 17 17.75 -14.95 -37.58
C THR D 17 18.70 -15.80 -36.74
N ALA D 18 18.71 -15.55 -35.43
CA ALA D 18 19.48 -16.33 -34.46
C ALA D 18 18.53 -17.21 -33.63
N SER D 19 19.04 -18.38 -33.19
CA SER D 19 18.25 -19.34 -32.43
C SER D 19 19.07 -19.95 -31.31
N ILE D 20 18.76 -19.55 -30.08
CA ILE D 20 19.39 -20.12 -28.90
C ILE D 20 18.44 -21.12 -28.26
N THR D 21 18.98 -22.26 -27.79
CA THR D 21 18.19 -23.31 -27.18
C THR D 21 18.58 -23.44 -25.70
N CYS D 22 17.64 -23.94 -24.89
CA CYS D 22 17.83 -24.18 -23.46
C CYS D 22 17.10 -25.47 -23.12
N SER D 23 17.78 -26.47 -22.54
CA SER D 23 17.14 -27.77 -22.34
C SER D 23 17.12 -28.17 -20.86
N GLY D 24 16.08 -28.89 -20.45
CA GLY D 24 15.95 -29.37 -19.09
C GLY D 24 15.04 -30.59 -19.06
N ASP D 25 15.15 -31.41 -18.00
CA ASP D 25 14.43 -32.68 -17.91
C ASP D 25 12.92 -32.47 -18.13
N LYS D 26 12.31 -31.50 -17.45
CA LYS D 26 10.90 -31.19 -17.67
C LYS D 26 10.69 -29.68 -17.65
N LEU D 27 11.34 -28.97 -18.58
CA LEU D 27 11.21 -27.51 -18.67
C LEU D 27 9.83 -27.15 -19.23
N GLY D 28 9.17 -28.15 -19.84
CA GLY D 28 7.85 -27.93 -20.39
C GLY D 28 6.80 -27.87 -19.29
N ASP D 29 7.12 -28.40 -18.11
CA ASP D 29 6.22 -28.39 -16.97
C ASP D 29 6.36 -27.08 -16.20
N ILE D 30 7.37 -26.28 -16.55
CA ILE D 30 7.62 -25.00 -15.88
C ILE D 30 7.69 -23.90 -16.93
N TYR D 31 8.08 -22.69 -16.52
CA TYR D 31 8.16 -21.54 -17.43
C TYR D 31 9.62 -21.16 -17.59
N ALA D 32 10.03 -20.87 -18.84
CA ALA D 32 11.38 -20.40 -19.12
C ALA D 32 11.37 -18.90 -19.41
N SER D 33 12.32 -18.19 -18.80
CA SER D 33 12.55 -16.78 -19.09
C SER D 33 13.97 -16.62 -19.64
N TRP D 34 14.27 -15.45 -20.20
CA TRP D 34 15.51 -15.20 -20.89
C TRP D 34 16.05 -13.82 -20.55
N TYR D 35 17.34 -13.75 -20.21
CA TYR D 35 17.99 -12.53 -19.75
C TYR D 35 19.19 -12.22 -20.66
N GLN D 36 19.37 -10.94 -20.96
CA GLN D 36 20.39 -10.48 -21.89
C GLN D 36 21.41 -9.63 -21.14
N GLN D 37 22.70 -10.00 -21.21
CA GLN D 37 23.72 -9.29 -20.44
C GLN D 37 24.82 -8.83 -21.39
N LYS D 38 24.94 -7.50 -21.53
CA LYS D 38 26.01 -6.90 -22.31
C LYS D 38 27.28 -6.80 -21.46
N PRO D 39 28.49 -6.79 -22.07
CA PRO D 39 29.72 -6.57 -21.31
C PRO D 39 29.65 -5.31 -20.46
N GLY D 40 29.94 -5.44 -19.16
CA GLY D 40 30.02 -4.29 -18.28
C GLY D 40 28.67 -3.91 -17.65
N GLN D 41 27.59 -4.62 -17.98
CA GLN D 41 26.26 -4.19 -17.57
C GLN D 41 25.55 -5.34 -16.85
N SER D 42 24.48 -4.95 -16.16
CA SER D 42 23.61 -5.85 -15.45
C SER D 42 22.61 -6.47 -16.42
N PRO D 43 22.04 -7.65 -16.11
CA PRO D 43 21.16 -8.33 -17.04
C PRO D 43 19.84 -7.59 -17.26
N VAL D 44 19.14 -7.97 -18.33
CA VAL D 44 17.84 -7.40 -18.67
C VAL D 44 16.94 -8.49 -19.24
N VAL D 45 15.71 -8.60 -18.75
CA VAL D 45 14.81 -9.64 -19.22
C VAL D 45 14.27 -9.26 -20.59
N VAL D 46 14.18 -10.25 -21.49
CA VAL D 46 13.73 -10.02 -22.85
C VAL D 46 12.55 -10.92 -23.20
N ILE D 47 12.46 -12.11 -22.59
CA ILE D 47 11.29 -12.99 -22.71
C ILE D 47 10.98 -13.50 -21.31
N PHE D 48 9.74 -13.45 -20.82
CA PHE D 48 9.52 -13.73 -19.40
C PHE D 48 8.70 -15.00 -19.15
N GLN D 49 7.69 -15.32 -19.99
CA GLN D 49 6.95 -16.54 -19.69
C GLN D 49 6.82 -17.39 -20.94
N ASP D 50 7.90 -18.11 -21.30
CA ASP D 50 7.91 -18.96 -22.48
C ASP D 50 7.76 -18.11 -23.74
N ASN D 51 6.61 -17.44 -23.92
CA ASN D 51 6.32 -16.70 -25.14
C ASN D 51 5.92 -15.26 -24.84
N LYS D 52 6.45 -14.65 -23.78
CA LYS D 52 5.96 -13.33 -23.38
C LYS D 52 7.10 -12.32 -23.31
N ARG D 53 6.94 -11.19 -24.00
CA ARG D 53 8.01 -10.22 -24.18
C ARG D 53 7.67 -8.94 -23.45
N PRO D 54 8.57 -8.41 -22.59
CA PRO D 54 8.36 -7.11 -21.93
C PRO D 54 8.05 -5.98 -22.90
N SER D 55 7.11 -5.10 -22.53
CA SER D 55 6.91 -3.88 -23.30
C SER D 55 8.23 -3.13 -23.27
N GLY D 56 8.69 -2.66 -24.43
CA GLY D 56 10.01 -2.05 -24.51
C GLY D 56 10.99 -2.90 -25.29
N VAL D 57 10.98 -4.22 -25.05
CA VAL D 57 11.85 -5.15 -25.76
C VAL D 57 11.37 -5.25 -27.22
N PRO D 58 12.28 -5.14 -28.21
CA PRO D 58 11.86 -5.08 -29.62
C PRO D 58 11.23 -6.36 -30.17
N GLU D 59 10.32 -6.19 -31.14
CA GLU D 59 9.42 -7.24 -31.57
C GLU D 59 10.17 -8.45 -32.14
N ARG D 60 11.45 -8.26 -32.44
CA ARG D 60 12.28 -9.29 -33.03
C ARG D 60 12.39 -10.52 -32.12
N PHE D 61 12.29 -10.29 -30.80
CA PHE D 61 12.53 -11.33 -29.81
C PHE D 61 11.26 -12.17 -29.61
N SER D 62 11.40 -13.50 -29.68
CA SER D 62 10.30 -14.41 -29.41
C SER D 62 10.83 -15.62 -28.64
N GLY D 63 9.91 -16.33 -27.97
CA GLY D 63 10.26 -17.51 -27.20
C GLY D 63 9.33 -18.69 -27.45
N SER D 64 9.77 -19.90 -27.02
CA SER D 64 8.98 -21.11 -27.09
C SER D 64 9.49 -22.09 -26.03
N ASN D 65 8.64 -23.07 -25.65
CA ASN D 65 8.98 -24.07 -24.66
C ASN D 65 8.27 -25.35 -25.04
N SER D 66 8.68 -25.94 -26.17
CA SER D 66 8.15 -27.23 -26.58
C SER D 66 9.21 -28.33 -26.46
N GLY D 67 8.75 -29.54 -26.11
CA GLY D 67 9.61 -30.71 -25.99
C GLY D 67 10.73 -30.51 -24.98
N ASN D 68 10.39 -29.94 -23.82
CA ASN D 68 11.36 -29.76 -22.76
C ASN D 68 12.60 -29.00 -23.25
N THR D 69 12.39 -28.17 -24.31
CA THR D 69 13.45 -27.36 -24.86
C THR D 69 12.90 -25.96 -25.09
N ALA D 70 13.52 -24.97 -24.45
CA ALA D 70 13.15 -23.57 -24.64
C ALA D 70 14.03 -22.95 -25.71
N THR D 71 13.45 -22.09 -26.56
CA THR D 71 14.18 -21.47 -27.66
C THR D 71 13.90 -19.96 -27.75
N LEU D 72 14.96 -19.17 -27.54
CA LEU D 72 14.91 -17.74 -27.86
C LEU D 72 15.23 -17.57 -29.35
N THR D 73 14.53 -16.63 -30.00
CA THR D 73 14.68 -16.43 -31.44
C THR D 73 14.73 -14.95 -31.76
N ILE D 74 15.93 -14.46 -32.14
CA ILE D 74 16.09 -13.07 -32.55
C ILE D 74 16.03 -13.01 -34.07
N SER D 75 14.96 -12.47 -34.65
CA SER D 75 14.91 -12.32 -36.09
C SER D 75 15.46 -10.95 -36.46
N GLY D 76 16.16 -10.85 -37.59
CA GLY D 76 16.74 -9.58 -37.99
C GLY D 76 17.82 -9.11 -37.03
N THR D 77 18.65 -10.04 -36.50
CA THR D 77 19.64 -9.70 -35.48
C THR D 77 20.41 -8.46 -35.94
N GLN D 78 20.84 -7.60 -35.00
CA GLN D 78 21.72 -6.50 -35.33
C GLN D 78 22.83 -6.40 -34.30
N ALA D 79 23.60 -5.31 -34.36
CA ALA D 79 24.80 -5.17 -33.55
C ALA D 79 24.44 -4.94 -32.08
N LEU D 80 23.24 -4.43 -31.82
CA LEU D 80 22.79 -4.15 -30.45
C LEU D 80 22.33 -5.40 -29.73
N ASP D 81 22.04 -6.47 -30.46
CA ASP D 81 21.60 -7.72 -29.85
C ASP D 81 22.78 -8.53 -29.37
N GLU D 82 24.00 -8.06 -29.68
CA GLU D 82 25.23 -8.79 -29.46
C GLU D 82 25.56 -8.74 -27.97
N ALA D 83 25.28 -9.87 -27.28
CA ALA D 83 25.50 -10.00 -25.86
C ALA D 83 25.35 -11.46 -25.43
N ASP D 84 25.60 -11.76 -24.14
CA ASP D 84 25.39 -13.11 -23.62
C ASP D 84 23.92 -13.27 -23.27
N TYR D 85 23.34 -14.46 -23.53
CA TYR D 85 21.92 -14.69 -23.28
C TYR D 85 21.76 -15.88 -22.33
N TYR D 86 21.03 -15.68 -21.23
CA TYR D 86 20.86 -16.73 -20.22
C TYR D 86 19.38 -17.09 -20.11
N CYS D 87 19.07 -18.38 -20.24
CA CYS D 87 17.75 -18.88 -19.87
C CYS D 87 17.71 -19.16 -18.37
N GLN D 88 16.50 -19.09 -17.82
CA GLN D 88 16.26 -19.25 -16.39
C GLN D 88 14.91 -19.92 -16.17
N ALA D 89 14.89 -20.80 -15.16
CA ALA D 89 13.71 -21.54 -14.79
C ALA D 89 13.81 -21.89 -13.31
N TRP D 90 12.65 -22.13 -12.67
CA TRP D 90 12.60 -22.34 -11.23
C TRP D 90 12.59 -23.84 -10.90
N ASP D 91 13.51 -24.26 -10.05
CA ASP D 91 13.45 -25.59 -9.50
C ASP D 91 12.78 -25.44 -8.15
N THR D 92 11.44 -25.50 -8.17
CA THR D 92 10.64 -25.02 -7.06
C THR D 92 11.21 -23.67 -6.62
N SER D 93 11.89 -23.62 -5.45
CA SER D 93 12.20 -22.34 -4.83
C SER D 93 13.55 -21.80 -5.30
N THR D 94 14.29 -22.63 -6.04
CA THR D 94 15.62 -22.27 -6.49
C THR D 94 15.53 -21.77 -7.93
N SER D 95 16.20 -20.64 -8.21
CA SER D 95 16.32 -20.09 -9.57
C SER D 95 17.50 -20.74 -10.28
N VAL D 96 17.23 -21.54 -11.32
CA VAL D 96 18.30 -22.18 -12.07
C VAL D 96 18.59 -21.32 -13.31
N PHE D 97 19.88 -21.04 -13.55
CA PHE D 97 20.29 -20.36 -14.77
C PHE D 97 21.03 -21.33 -15.68
N GLY D 98 20.95 -21.05 -16.99
CA GLY D 98 21.79 -21.73 -17.96
C GLY D 98 23.24 -21.23 -17.96
N THR D 99 24.06 -21.98 -18.70
CA THR D 99 25.48 -21.73 -18.86
C THR D 99 25.71 -20.42 -19.63
N GLY D 100 24.79 -20.05 -20.53
CA GLY D 100 24.87 -18.81 -21.28
C GLY D 100 25.36 -19.05 -22.71
N THR D 101 24.73 -18.34 -23.65
CA THR D 101 25.07 -18.43 -25.06
C THR D 101 25.51 -17.05 -25.53
N LYS D 102 26.76 -16.93 -25.99
CA LYS D 102 27.29 -15.65 -26.44
C LYS D 102 26.97 -15.47 -27.91
N VAL D 103 26.10 -14.50 -28.21
CA VAL D 103 25.72 -14.21 -29.57
C VAL D 103 26.67 -13.19 -30.17
N THR D 104 27.24 -13.53 -31.33
CA THR D 104 28.15 -12.64 -32.03
C THR D 104 27.52 -12.35 -33.39
N VAL D 105 27.51 -11.07 -33.76
CA VAL D 105 27.01 -10.67 -35.06
C VAL D 105 28.21 -10.24 -35.90
N LEU D 106 28.45 -10.96 -37.00
CA LEU D 106 29.62 -10.69 -37.83
C LEU D 106 29.41 -9.39 -38.59
N GLY D 107 29.67 -8.26 -37.90
CA GLY D 107 29.37 -6.94 -38.44
C GLY D 107 30.58 -6.27 -39.06
N GLN D 108 31.69 -7.01 -39.23
CA GLN D 108 32.85 -6.48 -39.90
C GLN D 108 33.64 -7.62 -40.53
N PRO D 109 34.56 -7.35 -41.48
CA PRO D 109 35.32 -8.41 -42.14
C PRO D 109 36.42 -8.97 -41.26
N LYS D 110 36.94 -10.14 -41.63
CA LYS D 110 37.99 -10.81 -40.86
C LYS D 110 39.24 -9.93 -40.85
N ALA D 111 39.92 -9.85 -39.70
CA ALA D 111 41.13 -9.08 -39.58
C ALA D 111 42.18 -9.95 -38.91
N ASN D 112 43.35 -10.10 -39.56
CA ASN D 112 44.41 -10.93 -39.00
C ASN D 112 45.09 -10.12 -37.89
N PRO D 113 45.66 -10.79 -36.86
CA PRO D 113 46.17 -10.09 -35.69
C PRO D 113 47.52 -9.38 -35.81
N THR D 114 47.72 -8.30 -35.05
CA THR D 114 49.01 -7.63 -34.96
C THR D 114 49.72 -8.14 -33.70
N VAL D 115 50.84 -8.81 -33.84
CA VAL D 115 51.53 -9.39 -32.70
C VAL D 115 52.77 -8.56 -32.37
N THR D 116 52.94 -8.22 -31.09
CA THR D 116 54.08 -7.45 -30.64
C THR D 116 54.73 -8.18 -29.46
N LEU D 117 55.92 -8.73 -29.65
CA LEU D 117 56.61 -9.50 -28.60
C LEU D 117 57.73 -8.66 -28.01
N PHE D 118 57.67 -8.42 -26.69
CA PHE D 118 58.74 -7.68 -26.00
C PHE D 118 59.57 -8.68 -25.21
N PRO D 119 60.89 -8.45 -25.04
CA PRO D 119 61.75 -9.36 -24.30
C PRO D 119 61.85 -8.94 -22.85
N PRO D 120 62.45 -9.76 -21.99
CA PRO D 120 62.69 -9.37 -20.60
C PRO D 120 63.46 -8.06 -20.55
N SER D 121 63.05 -7.13 -19.69
CA SER D 121 63.73 -5.86 -19.53
C SER D 121 64.96 -6.05 -18.66
N SER D 122 65.97 -5.22 -18.87
CA SER D 122 67.19 -5.28 -18.08
C SER D 122 66.85 -5.13 -16.60
N GLU D 123 65.88 -4.25 -16.30
CA GLU D 123 65.51 -3.96 -14.93
C GLU D 123 64.88 -5.19 -14.28
N GLU D 124 64.03 -5.89 -15.04
CA GLU D 124 63.40 -7.10 -14.54
C GLU D 124 64.50 -8.13 -14.26
N LEU D 125 65.38 -8.33 -15.26
CA LEU D 125 66.43 -9.32 -15.13
C LEU D 125 67.31 -9.00 -13.92
N GLN D 126 67.51 -7.69 -13.64
CA GLN D 126 68.30 -7.27 -12.49
C GLN D 126 67.54 -7.57 -11.20
N ALA D 127 66.25 -7.90 -11.31
CA ALA D 127 65.46 -8.30 -10.16
C ALA D 127 65.29 -9.81 -10.11
N ASN D 128 66.16 -10.53 -10.82
CA ASN D 128 66.18 -11.99 -10.78
C ASN D 128 64.85 -12.56 -11.29
N LYS D 129 64.10 -11.76 -12.07
CA LYS D 129 62.88 -12.27 -12.68
C LYS D 129 62.89 -11.93 -14.16
N ALA D 130 62.10 -12.65 -14.97
CA ALA D 130 62.01 -12.39 -16.40
C ALA D 130 60.61 -12.68 -16.90
N THR D 131 60.03 -11.72 -17.66
CA THR D 131 58.71 -11.95 -18.25
C THR D 131 58.74 -11.58 -19.74
N LEU D 132 58.31 -12.51 -20.59
CA LEU D 132 58.15 -12.24 -22.01
C LEU D 132 56.71 -11.80 -22.22
N VAL D 133 56.46 -10.88 -23.15
CA VAL D 133 55.15 -10.26 -23.25
C VAL D 133 54.73 -10.31 -24.71
N CYS D 134 53.64 -11.03 -24.99
CA CYS D 134 53.10 -11.11 -26.33
C CYS D 134 51.74 -10.39 -26.41
N LEU D 135 51.69 -9.22 -27.05
CA LEU D 135 50.48 -8.43 -27.17
C LEU D 135 49.78 -8.69 -28.51
N ILE D 136 48.45 -8.87 -28.46
CA ILE D 136 47.70 -9.28 -29.65
C ILE D 136 46.56 -8.31 -29.89
N SER D 137 46.49 -7.70 -31.09
CA SER D 137 45.50 -6.64 -31.31
C SER D 137 44.96 -6.67 -32.73
N ASP D 138 43.82 -6.00 -32.93
CA ASP D 138 43.18 -5.86 -34.25
C ASP D 138 42.92 -7.22 -34.89
N PHE D 139 42.18 -8.11 -34.22
CA PHE D 139 41.83 -9.39 -34.83
C PHE D 139 40.31 -9.55 -34.83
N TYR D 140 39.76 -10.19 -35.88
CA TYR D 140 38.33 -10.43 -35.97
C TYR D 140 38.12 -11.66 -36.84
N PRO D 141 37.26 -12.63 -36.43
CA PRO D 141 36.50 -12.53 -35.16
C PRO D 141 37.38 -12.66 -33.92
N GLY D 142 36.81 -12.50 -32.73
CA GLY D 142 37.59 -12.49 -31.50
C GLY D 142 37.95 -13.87 -30.97
N ALA D 143 38.85 -14.58 -31.66
CA ALA D 143 39.31 -15.89 -31.24
C ALA D 143 40.76 -16.09 -31.70
N VAL D 144 41.67 -16.42 -30.78
CA VAL D 144 43.10 -16.57 -31.10
C VAL D 144 43.67 -17.71 -30.28
N THR D 145 44.67 -18.45 -30.83
CA THR D 145 45.37 -19.49 -30.10
C THR D 145 46.85 -19.10 -30.03
N VAL D 146 47.38 -18.91 -28.82
CA VAL D 146 48.78 -18.52 -28.64
C VAL D 146 49.59 -19.77 -28.30
N ALA D 147 50.73 -19.97 -28.99
CA ALA D 147 51.64 -21.06 -28.67
C ALA D 147 53.03 -20.48 -28.48
N TRP D 148 53.71 -20.83 -27.39
CA TRP D 148 55.05 -20.32 -27.14
C TRP D 148 56.07 -21.42 -27.48
N LYS D 149 57.21 -21.01 -28.04
CA LYS D 149 58.25 -21.95 -28.46
C LYS D 149 59.59 -21.47 -27.92
N ALA D 150 60.46 -22.40 -27.50
CA ALA D 150 61.81 -22.05 -27.06
C ALA D 150 62.78 -22.81 -27.94
N ASP D 151 63.82 -22.14 -28.45
CA ASP D 151 64.70 -22.79 -29.41
C ASP D 151 63.88 -23.74 -30.28
N GLY D 152 62.74 -23.23 -30.79
CA GLY D 152 61.86 -23.99 -31.67
C GLY D 152 61.29 -25.24 -31.00
N SER D 153 61.09 -25.20 -29.68
CA SER D 153 60.49 -26.32 -28.98
C SER D 153 59.25 -25.86 -28.24
N PRO D 154 58.14 -26.62 -28.28
CA PRO D 154 56.94 -26.25 -27.54
C PRO D 154 57.24 -25.92 -26.08
N VAL D 155 56.72 -24.79 -25.58
CA VAL D 155 56.86 -24.42 -24.17
C VAL D 155 55.47 -24.46 -23.56
N LYS D 156 55.36 -24.98 -22.33
CA LYS D 156 54.05 -25.17 -21.69
C LYS D 156 53.95 -24.35 -20.40
N ALA D 157 54.93 -24.52 -19.51
CA ALA D 157 54.93 -23.84 -18.23
C ALA D 157 55.23 -22.35 -18.39
N GLY D 158 54.70 -21.52 -17.48
CA GLY D 158 54.98 -20.09 -17.48
C GLY D 158 54.02 -19.29 -18.36
N VAL D 159 53.09 -19.95 -19.05
CA VAL D 159 52.25 -19.26 -20.03
C VAL D 159 50.91 -18.86 -19.41
N GLU D 160 50.70 -17.55 -19.23
CA GLU D 160 49.40 -17.03 -18.80
C GLU D 160 48.80 -16.19 -19.93
N THR D 161 47.64 -16.60 -20.47
CA THR D 161 47.06 -15.90 -21.61
C THR D 161 45.72 -15.27 -21.23
N THR D 162 45.49 -14.02 -21.64
CA THR D 162 44.26 -13.28 -21.34
C THR D 162 43.17 -13.73 -22.32
N LYS D 163 41.90 -13.52 -21.97
CA LYS D 163 40.78 -13.81 -22.86
C LYS D 163 40.59 -12.64 -23.84
N PRO D 164 39.99 -12.86 -25.03
CA PRO D 164 39.81 -11.80 -26.01
C PRO D 164 38.91 -10.66 -25.52
N SER D 165 39.45 -9.45 -25.43
CA SER D 165 38.64 -8.29 -25.09
C SER D 165 38.28 -7.57 -26.38
N LYS D 166 37.25 -6.72 -26.33
CA LYS D 166 36.83 -5.93 -27.48
C LYS D 166 37.46 -4.54 -27.35
N GLN D 167 38.17 -4.14 -28.41
CA GLN D 167 38.75 -2.81 -28.55
C GLN D 167 37.66 -1.86 -29.05
N SER D 168 37.88 -0.55 -28.88
CA SER D 168 36.93 0.47 -29.32
C SER D 168 36.75 0.47 -30.84
N ASN D 169 37.68 -0.15 -31.57
CA ASN D 169 37.52 -0.34 -33.00
C ASN D 169 36.64 -1.55 -33.31
N ASN D 170 36.04 -2.19 -32.28
CA ASN D 170 35.19 -3.36 -32.45
C ASN D 170 35.97 -4.60 -32.89
N LYS D 171 37.29 -4.47 -33.08
CA LYS D 171 38.19 -5.61 -33.22
C LYS D 171 38.60 -6.08 -31.83
N TYR D 172 39.34 -7.19 -31.74
CA TYR D 172 39.63 -7.77 -30.44
C TYR D 172 41.13 -7.71 -30.13
N ALA D 173 41.44 -7.77 -28.81
CA ALA D 173 42.80 -7.77 -28.30
C ALA D 173 42.98 -8.95 -27.36
N ALA D 174 44.22 -9.26 -26.94
CA ALA D 174 44.53 -10.33 -26.00
C ALA D 174 46.01 -10.19 -25.62
N SER D 175 46.45 -10.89 -24.57
CA SER D 175 47.83 -10.77 -24.11
C SER D 175 48.29 -12.08 -23.48
N SER D 176 49.48 -12.54 -23.84
CA SER D 176 50.05 -13.75 -23.27
C SER D 176 51.39 -13.40 -22.63
N TYR D 177 51.68 -13.97 -21.45
CA TYR D 177 52.91 -13.68 -20.73
C TYR D 177 53.63 -15.00 -20.43
N LEU D 178 54.97 -15.03 -20.61
CA LEU D 178 55.79 -16.20 -20.34
C LEU D 178 56.80 -15.85 -19.24
N SER D 179 56.66 -16.45 -18.05
CA SER D 179 57.60 -16.22 -16.97
C SER D 179 58.73 -17.25 -17.03
N LEU D 180 59.99 -16.79 -16.92
CA LEU D 180 61.18 -17.63 -17.00
C LEU D 180 62.15 -17.16 -15.94
N THR D 181 63.16 -17.99 -15.65
CA THR D 181 64.26 -17.51 -14.85
C THR D 181 65.14 -16.67 -15.77
N PRO D 182 65.82 -15.62 -15.27
CA PRO D 182 66.86 -14.94 -16.04
C PRO D 182 67.85 -15.89 -16.74
N GLU D 183 68.22 -16.97 -16.04
CA GLU D 183 69.19 -17.93 -16.51
C GLU D 183 68.60 -18.77 -17.66
N GLN D 184 67.33 -19.13 -17.57
CA GLN D 184 66.69 -19.90 -18.62
C GLN D 184 66.58 -19.11 -19.91
N TRP D 185 66.29 -17.82 -19.76
CA TRP D 185 66.23 -16.88 -20.87
C TRP D 185 67.55 -16.92 -21.62
N LYS D 186 68.67 -16.88 -20.89
CA LYS D 186 70.00 -16.77 -21.48
C LYS D 186 70.48 -18.12 -22.00
N SER D 187 69.93 -19.22 -21.46
CA SER D 187 70.37 -20.55 -21.83
C SER D 187 69.95 -20.88 -23.27
N HIS D 188 68.92 -20.19 -23.78
CA HIS D 188 68.37 -20.48 -25.10
C HIS D 188 68.75 -19.37 -26.07
N ARG D 189 68.38 -19.57 -27.34
CA ARG D 189 68.80 -18.68 -28.42
C ARG D 189 67.62 -17.86 -28.93
N SER D 190 66.40 -18.40 -28.83
CA SER D 190 65.21 -17.70 -29.28
C SER D 190 63.98 -18.23 -28.55
N TYR D 191 63.14 -17.32 -28.05
CA TYR D 191 61.76 -17.64 -27.70
C TYR D 191 60.85 -17.02 -28.77
N SER D 192 59.70 -17.67 -29.04
CA SER D 192 58.78 -17.19 -30.05
C SER D 192 57.34 -17.27 -29.55
N CYS D 193 56.52 -16.32 -30.00
CA CYS D 193 55.09 -16.28 -29.70
C CYS D 193 54.30 -16.58 -30.98
N GLN D 194 53.63 -17.73 -31.03
CA GLN D 194 52.95 -18.16 -32.25
C GLN D 194 51.44 -17.98 -32.07
N VAL D 195 50.83 -17.06 -32.85
CA VAL D 195 49.44 -16.69 -32.71
C VAL D 195 48.65 -17.17 -33.93
N THR D 196 47.76 -18.15 -33.72
CA THR D 196 46.92 -18.72 -34.76
C THR D 196 45.51 -18.13 -34.69
N HIS D 197 45.02 -17.69 -35.85
CA HIS D 197 43.69 -17.10 -35.97
C HIS D 197 43.11 -17.43 -37.33
N GLU D 198 41.89 -18.00 -37.35
CA GLU D 198 41.21 -18.37 -38.57
C GLU D 198 42.15 -19.15 -39.49
N GLY D 199 42.92 -20.09 -38.92
CA GLY D 199 43.75 -20.99 -39.71
C GLY D 199 45.12 -20.40 -40.08
N SER D 200 45.34 -19.09 -39.93
CA SER D 200 46.60 -18.46 -40.31
C SER D 200 47.44 -18.14 -39.08
N THR D 201 48.75 -18.45 -39.15
CA THR D 201 49.64 -18.36 -38.00
C THR D 201 50.60 -17.20 -38.16
N VAL D 202 50.53 -16.22 -37.25
CA VAL D 202 51.52 -15.15 -37.17
C VAL D 202 52.46 -15.47 -36.01
N GLU D 203 53.76 -15.33 -36.28
CA GLU D 203 54.82 -15.67 -35.33
C GLU D 203 55.72 -14.46 -35.18
N LYS D 204 56.17 -14.18 -33.96
CA LYS D 204 57.22 -13.22 -33.71
C LYS D 204 58.23 -13.88 -32.78
N THR D 205 59.48 -13.44 -32.85
CA THR D 205 60.56 -14.09 -32.14
C THR D 205 61.42 -13.03 -31.47
N VAL D 206 62.05 -13.41 -30.36
CA VAL D 206 63.05 -12.59 -29.67
C VAL D 206 64.22 -13.47 -29.20
N ALA D 207 65.33 -12.82 -28.84
CA ALA D 207 66.55 -13.53 -28.49
C ALA D 207 67.36 -12.73 -27.47
N PRO D 208 68.07 -13.39 -26.54
CA PRO D 208 68.86 -12.65 -25.55
C PRO D 208 70.00 -11.98 -26.28
N THR D 209 70.43 -10.80 -25.78
CA THR D 209 71.36 -9.95 -26.52
C THR D 209 72.44 -9.42 -25.57
N GLU D 210 73.72 -9.75 -25.86
CA GLU D 210 74.90 -9.18 -25.22
C GLU D 210 75.00 -9.70 -23.76
N GLU E 1 12.31 5.15 -12.41
CA GLU E 1 11.96 5.45 -10.99
C GLU E 1 12.39 4.28 -10.09
N VAL E 2 12.04 3.05 -10.50
CA VAL E 2 12.40 1.84 -9.79
C VAL E 2 13.93 1.73 -9.77
N GLN E 3 14.53 1.77 -8.58
CA GLN E 3 15.98 1.78 -8.46
C GLN E 3 16.41 0.89 -7.30
N LEU E 4 17.42 0.04 -7.58
CA LEU E 4 18.13 -0.71 -6.58
C LEU E 4 19.60 -0.28 -6.60
N VAL E 5 20.15 0.01 -5.41
CA VAL E 5 21.53 0.50 -5.28
C VAL E 5 22.26 -0.38 -4.27
N GLU E 6 23.25 -1.13 -4.77
CA GLU E 6 24.03 -2.07 -3.96
C GLU E 6 25.26 -1.38 -3.38
N SER E 7 25.75 -1.92 -2.26
CA SER E 7 26.97 -1.46 -1.63
C SER E 7 27.44 -2.50 -0.61
N GLY E 8 28.71 -2.39 -0.21
CA GLY E 8 29.24 -3.19 0.88
C GLY E 8 30.30 -4.17 0.45
N GLY E 9 30.55 -4.28 -0.87
CA GLY E 9 31.56 -5.17 -1.40
C GLY E 9 32.96 -4.69 -1.04
N GLY E 10 33.98 -5.56 -1.20
CA GLY E 10 35.35 -5.16 -0.95
C GLY E 10 36.30 -6.36 -0.83
N LEU E 11 37.56 -6.03 -0.53
CA LEU E 11 38.60 -7.04 -0.43
C LEU E 11 38.46 -7.71 0.94
N VAL E 12 38.47 -9.05 0.93
CA VAL E 12 38.39 -9.84 2.15
C VAL E 12 39.34 -11.02 2.08
N GLN E 13 39.97 -11.36 3.22
CA GLN E 13 40.80 -12.55 3.32
C GLN E 13 39.87 -13.76 3.39
N PRO E 14 40.30 -14.98 2.99
CA PRO E 14 39.47 -16.17 3.17
C PRO E 14 39.08 -16.26 4.64
N GLY E 15 37.80 -16.57 4.92
CA GLY E 15 37.31 -16.63 6.29
C GLY E 15 36.76 -15.29 6.81
N GLY E 16 36.98 -14.21 6.05
CA GLY E 16 36.47 -12.90 6.45
C GLY E 16 34.98 -12.77 6.16
N SER E 17 34.44 -11.54 6.34
CA SER E 17 33.01 -11.30 6.29
C SER E 17 32.67 -9.94 5.67
N LEU E 18 31.46 -9.84 5.11
CA LEU E 18 30.91 -8.59 4.59
C LEU E 18 29.41 -8.54 4.84
N ARG E 19 28.88 -7.31 4.87
CA ARG E 19 27.45 -7.07 4.83
C ARG E 19 27.14 -6.27 3.57
N LEU E 20 26.26 -6.83 2.73
CA LEU E 20 25.82 -6.15 1.52
C LEU E 20 24.44 -5.56 1.76
N SER E 21 24.25 -4.30 1.35
CA SER E 21 22.93 -3.71 1.31
C SER E 21 22.51 -3.49 -0.14
N CYS E 22 21.20 -3.58 -0.39
CA CYS E 22 20.58 -3.19 -1.64
C CYS E 22 19.45 -2.21 -1.31
N ALA E 23 19.66 -0.92 -1.63
CA ALA E 23 18.73 0.13 -1.22
C ALA E 23 17.75 0.46 -2.35
N ALA E 24 16.47 0.19 -2.10
CA ALA E 24 15.45 0.28 -3.13
C ALA E 24 14.72 1.61 -3.05
N SER E 25 14.11 2.01 -4.17
CA SER E 25 13.27 3.18 -4.26
C SER E 25 12.40 3.09 -5.52
N GLY E 26 11.21 3.69 -5.50
CA GLY E 26 10.38 3.77 -6.70
C GLY E 26 9.24 2.76 -6.73
N PHE E 27 9.04 1.95 -5.69
CA PHE E 27 8.00 0.94 -5.70
C PHE E 27 7.67 0.54 -4.27
N THR E 28 6.53 -0.14 -4.04
CA THR E 28 6.25 -0.61 -2.69
C THR E 28 7.15 -1.80 -2.42
N PHE E 29 8.30 -1.52 -1.80
CA PHE E 29 9.30 -2.54 -1.48
C PHE E 29 8.66 -3.80 -0.93
N SER E 30 7.78 -3.66 0.08
CA SER E 30 7.32 -4.80 0.87
C SER E 30 6.36 -5.70 0.07
N SER E 31 5.87 -5.23 -1.08
CA SER E 31 4.93 -5.97 -1.90
C SER E 31 5.60 -7.01 -2.80
N TYR E 32 6.94 -7.07 -2.76
CA TYR E 32 7.77 -7.76 -3.75
C TYR E 32 8.95 -8.48 -3.10
N ALA E 33 9.19 -9.72 -3.54
CA ALA E 33 10.37 -10.48 -3.17
C ALA E 33 11.60 -9.92 -3.88
N ILE E 34 12.75 -9.94 -3.18
CA ILE E 34 14.00 -9.49 -3.74
C ILE E 34 15.10 -10.53 -3.48
N HIS E 35 15.93 -10.76 -4.51
CA HIS E 35 16.87 -11.87 -4.56
C HIS E 35 18.28 -11.40 -4.86
N TRP E 36 19.27 -12.22 -4.47
CA TRP E 36 20.66 -12.00 -4.81
C TRP E 36 21.12 -12.96 -5.91
N VAL E 37 21.76 -12.40 -6.95
CA VAL E 37 22.35 -13.21 -8.00
C VAL E 37 23.79 -12.74 -8.18
N ARG E 38 24.74 -13.70 -8.13
CA ARG E 38 26.15 -13.40 -8.25
C ARG E 38 26.70 -13.95 -9.57
N GLN E 39 27.87 -13.42 -9.97
CA GLN E 39 28.50 -13.73 -11.25
C GLN E 39 30.02 -13.60 -11.11
N ALA E 40 30.70 -14.75 -11.12
CA ALA E 40 32.14 -14.78 -11.01
C ALA E 40 32.77 -14.15 -12.27
N PRO E 41 33.96 -13.54 -12.15
CA PRO E 41 34.62 -12.95 -13.32
C PRO E 41 34.70 -13.90 -14.52
N GLY E 42 34.16 -13.42 -15.65
CA GLY E 42 34.21 -14.12 -16.93
C GLY E 42 33.30 -15.35 -16.98
N LYS E 43 32.31 -15.42 -16.08
CA LYS E 43 31.49 -16.61 -15.95
C LYS E 43 30.02 -16.22 -16.03
N GLY E 44 29.16 -17.22 -15.78
CA GLY E 44 27.72 -17.07 -15.85
C GLY E 44 27.08 -16.67 -14.52
N LEU E 45 25.75 -16.48 -14.60
CA LEU E 45 24.95 -16.06 -13.46
C LEU E 45 24.69 -17.26 -12.57
N GLU E 46 24.79 -17.02 -11.26
CA GLU E 46 24.48 -18.02 -10.26
C GLU E 46 23.51 -17.38 -9.29
N TRP E 47 22.39 -18.05 -9.05
CA TRP E 47 21.46 -17.61 -8.05
C TRP E 47 22.02 -17.91 -6.66
N VAL E 48 21.80 -16.98 -5.72
CA VAL E 48 22.39 -17.08 -4.39
C VAL E 48 21.31 -17.26 -3.33
N SER E 49 20.45 -16.24 -3.21
CA SER E 49 19.40 -16.24 -2.19
C SER E 49 18.22 -15.37 -2.62
N GLY E 50 17.07 -15.67 -2.01
CA GLY E 50 15.85 -14.90 -2.17
C GLY E 50 15.06 -14.85 -0.87
N LEU E 51 14.01 -14.01 -0.87
CA LEU E 51 13.27 -13.59 0.31
C LEU E 51 11.94 -13.01 -0.12
N SER E 52 10.84 -13.54 0.41
CA SER E 52 9.52 -13.00 0.10
C SER E 52 9.35 -11.60 0.68
N GLY E 53 8.30 -10.88 0.23
CA GLY E 53 8.09 -9.49 0.62
C GLY E 53 8.03 -9.28 2.13
N GLY E 54 7.45 -10.27 2.82
CA GLY E 54 7.26 -10.23 4.27
C GLY E 54 8.47 -10.70 5.06
N GLY E 55 9.51 -11.20 4.39
CA GLY E 55 10.67 -11.79 5.05
C GLY E 55 10.37 -13.21 5.53
N GLY E 56 9.25 -13.79 5.08
CA GLY E 56 8.80 -15.10 5.54
C GLY E 56 9.66 -16.25 4.99
N ASP E 57 9.89 -16.23 3.67
CA ASP E 57 10.58 -17.31 2.96
C ASP E 57 12.00 -16.90 2.62
N THR E 58 12.94 -17.31 3.48
CA THR E 58 14.35 -17.27 3.11
C THR E 58 14.66 -18.56 2.36
N ASP E 59 15.36 -18.44 1.23
CA ASP E 59 15.87 -19.57 0.47
C ASP E 59 17.29 -19.27 0.00
N TYR E 60 18.13 -20.32 -0.02
CA TYR E 60 19.53 -20.22 -0.40
C TYR E 60 19.93 -21.33 -1.36
N ALA E 61 21.01 -21.09 -2.12
CA ALA E 61 21.64 -22.10 -2.95
C ALA E 61 22.60 -22.94 -2.10
N ASP E 62 22.73 -24.22 -2.46
CA ASP E 62 23.38 -25.18 -1.60
C ASP E 62 24.81 -24.76 -1.30
N SER E 63 25.44 -24.09 -2.27
CA SER E 63 26.85 -23.73 -2.15
C SER E 63 27.04 -22.66 -1.07
N VAL E 64 26.06 -21.75 -0.93
CA VAL E 64 26.16 -20.61 -0.02
C VAL E 64 25.42 -20.91 1.29
N LYS E 65 24.64 -21.99 1.31
CA LYS E 65 23.92 -22.36 2.50
C LYS E 65 24.87 -22.37 3.71
N GLY E 66 24.42 -21.73 4.80
CA GLY E 66 25.07 -21.83 6.09
C GLY E 66 25.96 -20.63 6.41
N ARG E 67 26.47 -19.98 5.36
CA ARG E 67 27.50 -18.95 5.51
C ARG E 67 26.91 -17.58 5.16
N LEU E 68 25.88 -17.59 4.33
CA LEU E 68 25.20 -16.36 3.96
C LEU E 68 23.80 -16.39 4.55
N THR E 69 23.31 -15.21 4.94
CA THR E 69 21.95 -15.05 5.45
C THR E 69 21.35 -13.77 4.88
N ILE E 70 20.09 -13.86 4.45
CA ILE E 70 19.43 -12.76 3.77
C ILE E 70 18.42 -12.12 4.72
N SER E 71 18.15 -10.81 4.56
CA SER E 71 17.19 -10.14 5.41
C SER E 71 16.69 -8.85 4.77
N ARG E 72 15.53 -8.36 5.24
CA ARG E 72 14.95 -7.09 4.84
C ARG E 72 14.75 -6.22 6.06
N ASP E 73 14.74 -4.90 5.81
CA ASP E 73 14.15 -3.93 6.70
C ASP E 73 13.21 -3.10 5.83
N ASN E 74 11.90 -3.26 6.01
CA ASN E 74 10.95 -2.70 5.07
C ASN E 74 10.79 -1.20 5.33
N SER E 75 10.90 -0.76 6.59
CA SER E 75 10.86 0.67 6.87
C SER E 75 11.96 1.39 6.10
N LYS E 76 13.15 0.78 6.08
CA LYS E 76 14.32 1.34 5.42
C LYS E 76 14.34 1.02 3.92
N LYS E 77 13.39 0.20 3.43
CA LYS E 77 13.39 -0.25 2.05
C LYS E 77 14.74 -0.81 1.62
N THR E 78 15.31 -1.76 2.39
CA THR E 78 16.66 -2.26 2.12
C THR E 78 16.75 -3.76 2.34
N LEU E 79 17.43 -4.42 1.38
CA LEU E 79 17.73 -5.85 1.44
C LEU E 79 19.19 -6.01 1.85
N PHE E 80 19.45 -6.98 2.73
CA PHE E 80 20.80 -7.21 3.20
C PHE E 80 21.22 -8.64 2.86
N LEU E 81 22.55 -8.83 2.68
CA LEU E 81 23.18 -10.14 2.59
C LEU E 81 24.42 -10.17 3.49
N GLU E 82 24.28 -10.81 4.66
CA GLU E 82 25.38 -10.98 5.60
C GLU E 82 26.21 -12.19 5.14
N MET E 83 27.44 -11.92 4.72
CA MET E 83 28.35 -12.95 4.24
C MET E 83 29.42 -13.18 5.29
N ASN E 84 29.49 -14.40 5.84
CA ASN E 84 30.53 -14.76 6.80
C ASN E 84 31.29 -15.99 6.30
N ASN E 85 32.48 -16.19 6.89
CA ASN E 85 33.30 -17.35 6.62
C ASN E 85 33.39 -17.52 5.11
N LEU E 86 33.72 -16.41 4.42
CA LEU E 86 33.70 -16.38 2.97
C LEU E 86 34.83 -17.23 2.39
N ARG E 87 34.64 -17.70 1.16
CA ARG E 87 35.64 -18.51 0.48
C ARG E 87 36.03 -17.79 -0.81
N PRO E 88 37.22 -18.07 -1.40
CA PRO E 88 37.58 -17.48 -2.67
C PRO E 88 36.50 -17.71 -3.73
N GLU E 89 35.89 -18.90 -3.73
CA GLU E 89 34.88 -19.25 -4.73
C GLU E 89 33.70 -18.28 -4.65
N ASP E 90 33.63 -17.48 -3.58
CA ASP E 90 32.52 -16.55 -3.39
C ASP E 90 32.87 -15.21 -4.03
N THR E 91 34.09 -15.08 -4.58
CA THR E 91 34.49 -13.85 -5.25
C THR E 91 33.64 -13.68 -6.50
N ALA E 92 32.96 -12.54 -6.63
CA ALA E 92 32.08 -12.28 -7.77
C ALA E 92 31.43 -10.90 -7.61
N ILE E 93 30.60 -10.51 -8.58
CA ILE E 93 29.83 -9.28 -8.48
C ILE E 93 28.44 -9.71 -8.02
N TYR E 94 27.89 -9.08 -6.96
CA TYR E 94 26.62 -9.53 -6.41
C TYR E 94 25.51 -8.56 -6.79
N TYR E 95 24.59 -9.03 -7.63
CA TYR E 95 23.41 -8.26 -8.00
C TYR E 95 22.24 -8.58 -7.08
N CYS E 96 21.47 -7.56 -6.66
CA CYS E 96 20.12 -7.80 -6.15
C CYS E 96 19.13 -7.59 -7.30
N ALA E 97 18.02 -8.35 -7.23
CA ALA E 97 17.02 -8.36 -8.28
C ALA E 97 15.59 -8.48 -7.69
N LYS E 98 14.74 -7.51 -8.05
CA LYS E 98 13.33 -7.50 -7.71
C LYS E 98 12.62 -8.58 -8.52
N LEU E 99 11.73 -9.35 -7.90
CA LEU E 99 10.86 -10.24 -8.62
C LEU E 99 9.59 -9.49 -9.01
N THR E 100 8.71 -10.13 -9.80
CA THR E 100 7.44 -9.54 -10.22
C THR E 100 6.31 -9.73 -9.19
N GLY E 101 6.60 -10.39 -8.07
CA GLY E 101 5.57 -10.73 -7.10
C GLY E 101 6.11 -10.76 -5.68
N TYR E 102 5.27 -11.21 -4.73
CA TYR E 102 5.64 -11.26 -3.34
C TYR E 102 6.45 -12.53 -3.08
N GLY E 103 6.24 -13.54 -3.95
CA GLY E 103 6.79 -14.88 -3.75
C GLY E 103 7.48 -15.42 -5.00
N SER E 104 8.45 -16.30 -4.74
CA SER E 104 9.09 -17.15 -5.73
C SER E 104 8.11 -18.21 -6.19
N THR E 105 7.70 -18.13 -7.46
CA THR E 105 6.93 -19.19 -8.08
C THR E 105 7.47 -19.44 -9.47
N PRO E 106 7.10 -20.56 -10.13
CA PRO E 106 7.51 -20.82 -11.50
C PRO E 106 7.25 -19.73 -12.52
N GLY E 107 6.28 -18.85 -12.25
CA GLY E 107 5.98 -17.74 -13.15
C GLY E 107 6.95 -16.55 -12.98
N SER E 108 7.56 -16.46 -11.80
CA SER E 108 8.32 -15.28 -11.40
C SER E 108 9.42 -14.95 -12.40
N TYR E 109 9.81 -13.66 -12.47
CA TYR E 109 10.91 -13.24 -13.32
C TYR E 109 11.54 -12.00 -12.69
N MET E 110 12.87 -11.88 -12.73
CA MET E 110 13.55 -10.73 -12.17
C MET E 110 13.34 -9.54 -13.11
N ASP E 111 12.59 -8.53 -12.67
CA ASP E 111 12.25 -7.42 -13.57
C ASP E 111 13.22 -6.26 -13.41
N VAL E 112 13.96 -6.18 -12.31
CA VAL E 112 14.89 -5.08 -12.11
C VAL E 112 16.15 -5.60 -11.42
N TRP E 113 17.31 -5.06 -11.83
CA TRP E 113 18.57 -5.44 -11.24
C TRP E 113 19.41 -4.19 -11.02
N GLY E 114 20.12 -4.13 -9.87
CA GLY E 114 21.10 -3.09 -9.62
C GLY E 114 22.33 -3.19 -10.53
N LYS E 115 23.21 -2.18 -10.43
CA LYS E 115 24.50 -2.14 -11.12
C LYS E 115 25.49 -3.16 -10.54
N GLY E 116 25.21 -3.69 -9.35
CA GLY E 116 26.08 -4.68 -8.74
C GLY E 116 27.11 -4.04 -7.80
N THR E 117 27.68 -4.86 -6.92
CA THR E 117 28.78 -4.47 -6.04
C THR E 117 29.77 -5.63 -6.09
N THR E 118 31.08 -5.36 -5.95
CA THR E 118 32.09 -6.41 -6.17
C THR E 118 32.60 -6.97 -4.85
N VAL E 119 32.54 -8.29 -4.68
CA VAL E 119 33.09 -8.95 -3.51
C VAL E 119 34.35 -9.70 -3.92
N SER E 120 35.49 -9.44 -3.25
CA SER E 120 36.75 -10.06 -3.61
C SER E 120 37.33 -10.80 -2.41
N VAL E 121 37.57 -12.11 -2.57
CA VAL E 121 38.11 -12.92 -1.50
C VAL E 121 39.44 -13.47 -1.98
N SER E 122 40.53 -13.07 -1.31
CA SER E 122 41.87 -13.48 -1.72
C SER E 122 42.84 -13.41 -0.53
N SER E 123 43.75 -14.38 -0.51
CA SER E 123 44.85 -14.46 0.45
C SER E 123 45.99 -13.51 0.05
N ALA E 124 45.87 -12.93 -1.16
CA ALA E 124 46.63 -11.79 -1.60
C ALA E 124 46.39 -10.61 -0.67
N SER E 125 47.29 -9.63 -0.70
CA SER E 125 47.13 -8.40 0.05
C SER E 125 47.46 -7.24 -0.88
N THR E 126 47.00 -6.04 -0.54
CA THR E 126 47.14 -4.91 -1.44
C THR E 126 48.63 -4.66 -1.63
N LYS E 127 49.03 -4.63 -2.91
CA LYS E 127 50.40 -4.38 -3.30
C LYS E 127 50.36 -3.47 -4.52
N GLY E 128 51.19 -2.42 -4.49
CA GLY E 128 51.45 -1.62 -5.67
C GLY E 128 52.15 -2.41 -6.77
N PRO E 129 52.03 -1.97 -8.05
CA PRO E 129 52.70 -2.63 -9.16
C PRO E 129 54.18 -2.29 -9.20
N SER E 130 55.00 -3.24 -9.69
CA SER E 130 56.32 -2.95 -10.22
C SER E 130 56.17 -2.55 -11.67
N VAL E 131 56.80 -1.43 -12.04
CA VAL E 131 56.68 -0.92 -13.41
C VAL E 131 58.02 -1.04 -14.14
N PHE E 132 58.00 -1.77 -15.27
CA PHE E 132 59.18 -1.97 -16.10
C PHE E 132 59.00 -1.37 -17.49
N PRO E 133 60.07 -0.78 -18.06
CA PRO E 133 60.01 -0.23 -19.41
C PRO E 133 60.06 -1.34 -20.46
N LEU E 134 59.23 -1.24 -21.49
CA LEU E 134 59.35 -2.06 -22.68
C LEU E 134 59.95 -1.25 -23.84
N ALA E 135 61.28 -1.24 -23.91
CA ALA E 135 61.98 -0.44 -24.90
C ALA E 135 61.58 -0.83 -26.32
N PRO E 136 61.68 0.10 -27.31
CA PRO E 136 61.34 -0.22 -28.70
C PRO E 136 62.41 -1.10 -29.37
N SER E 137 61.96 -2.00 -30.25
CA SER E 137 62.87 -2.92 -30.94
C SER E 137 63.83 -2.14 -31.85
N SER E 138 65.13 -2.46 -31.75
CA SER E 138 66.12 -1.85 -32.63
C SER E 138 65.81 -2.19 -34.08
N LYS E 139 65.44 -3.47 -34.32
CA LYS E 139 65.14 -3.97 -35.66
C LYS E 139 63.63 -3.94 -35.88
N SER E 140 63.18 -4.46 -37.03
CA SER E 140 61.76 -4.52 -37.37
C SER E 140 61.07 -3.20 -37.00
N THR E 141 61.57 -2.10 -37.56
CA THR E 141 60.98 -0.77 -37.33
C THR E 141 59.67 -0.65 -38.11
N SER E 142 59.41 -1.60 -39.02
CA SER E 142 58.16 -1.64 -39.78
C SER E 142 57.97 -0.33 -40.54
N GLY E 143 56.72 0.07 -40.80
CA GLY E 143 56.42 1.29 -41.53
C GLY E 143 56.81 2.55 -40.74
N GLY E 144 58.09 2.59 -40.30
CA GLY E 144 58.59 3.69 -39.47
C GLY E 144 57.80 3.79 -38.17
N THR E 145 57.23 2.65 -37.72
CA THR E 145 56.41 2.63 -36.53
C THR E 145 57.13 1.84 -35.44
N ALA E 146 57.43 2.48 -34.31
CA ALA E 146 58.08 1.81 -33.18
C ALA E 146 57.04 1.43 -32.13
N ALA E 147 57.12 0.20 -31.62
CA ALA E 147 56.23 -0.23 -30.55
C ALA E 147 57.01 -0.23 -29.23
N LEU E 148 56.70 0.73 -28.34
CA LEU E 148 57.27 0.74 -27.00
C LEU E 148 56.13 0.79 -25.99
N GLY E 149 56.40 0.46 -24.72
CA GLY E 149 55.38 0.50 -23.69
C GLY E 149 55.99 0.26 -22.31
N CYS E 150 55.15 -0.06 -21.30
CA CYS E 150 55.69 -0.47 -20.01
C CYS E 150 54.87 -1.61 -19.42
N LEU E 151 55.54 -2.50 -18.66
CA LEU E 151 54.92 -3.68 -18.07
C LEU E 151 54.54 -3.38 -16.62
N VAL E 152 53.24 -3.53 -16.30
CA VAL E 152 52.74 -3.31 -14.95
C VAL E 152 52.56 -4.68 -14.31
N LYS E 153 53.44 -5.04 -13.37
CA LYS E 153 53.52 -6.43 -12.97
C LYS E 153 53.29 -6.55 -11.46
N ASP E 154 52.51 -7.58 -11.08
CA ASP E 154 52.38 -8.05 -9.71
C ASP E 154 51.73 -6.98 -8.84
N TYR E 155 50.46 -6.69 -9.14
CA TYR E 155 49.72 -5.68 -8.40
C TYR E 155 48.41 -6.30 -7.87
N PHE E 156 47.92 -5.78 -6.73
CA PHE E 156 46.65 -6.22 -6.18
C PHE E 156 46.07 -5.09 -5.32
N PRO E 157 44.75 -4.84 -5.36
CA PRO E 157 43.87 -5.42 -6.38
C PRO E 157 43.72 -4.50 -7.59
N GLU E 158 42.86 -4.90 -8.53
CA GLU E 158 42.48 -4.00 -9.62
C GLU E 158 41.59 -2.91 -9.02
N PRO E 159 41.58 -1.65 -9.53
CA PRO E 159 42.03 -1.31 -10.88
C PRO E 159 43.35 -0.55 -10.98
N VAL E 160 44.02 -0.66 -12.14
CA VAL E 160 45.20 0.14 -12.44
C VAL E 160 44.89 0.92 -13.72
N THR E 161 45.17 2.24 -13.73
CA THR E 161 44.99 3.05 -14.93
C THR E 161 46.37 3.41 -15.48
N VAL E 162 46.52 3.40 -16.82
CA VAL E 162 47.79 3.80 -17.41
C VAL E 162 47.55 4.98 -18.35
N SER E 163 48.37 6.03 -18.19
CA SER E 163 48.41 7.12 -19.14
C SER E 163 49.83 7.29 -19.69
N TRP E 164 49.91 8.01 -20.81
CA TRP E 164 51.21 8.37 -21.38
C TRP E 164 51.33 9.89 -21.40
N ASN E 165 52.50 10.38 -20.93
CA ASN E 165 52.82 11.79 -20.79
C ASN E 165 51.66 12.56 -20.15
N SER E 166 51.19 12.04 -19.02
CA SER E 166 50.16 12.66 -18.21
C SER E 166 48.89 12.93 -19.03
N GLY E 167 48.63 12.07 -20.02
CA GLY E 167 47.40 12.12 -20.78
C GLY E 167 47.52 12.89 -22.09
N ALA E 168 48.66 13.56 -22.32
CA ALA E 168 48.85 14.37 -23.51
C ALA E 168 48.87 13.48 -24.75
N LEU E 169 49.37 12.25 -24.60
CA LEU E 169 49.56 11.35 -25.72
C LEU E 169 48.47 10.30 -25.71
N THR E 170 47.69 10.22 -26.80
CA THR E 170 46.61 9.24 -26.84
C THR E 170 46.62 8.39 -28.10
N SER E 171 47.10 8.91 -29.23
CA SER E 171 46.92 8.26 -30.53
C SER E 171 47.29 6.77 -30.53
N GLY E 172 48.59 6.44 -30.37
CA GLY E 172 49.04 5.07 -30.56
C GLY E 172 48.88 4.15 -29.34
N VAL E 173 48.24 4.66 -28.29
CA VAL E 173 48.20 3.98 -27.00
C VAL E 173 47.15 2.88 -27.07
N HIS E 174 47.53 1.68 -26.65
CA HIS E 174 46.61 0.58 -26.42
C HIS E 174 47.01 -0.10 -25.11
N THR E 175 46.23 0.14 -24.03
CA THR E 175 46.45 -0.53 -22.76
C THR E 175 45.62 -1.81 -22.76
N PHE E 176 46.21 -2.91 -22.29
CA PHE E 176 45.57 -4.22 -22.45
C PHE E 176 44.91 -4.64 -21.14
N PRO E 177 43.80 -5.40 -21.19
CA PRO E 177 43.24 -5.96 -19.97
C PRO E 177 44.30 -6.84 -19.32
N ALA E 178 44.19 -6.97 -18.00
CA ALA E 178 45.18 -7.62 -17.17
C ALA E 178 44.97 -9.13 -17.17
N VAL E 179 45.98 -9.83 -16.66
CA VAL E 179 45.98 -11.27 -16.57
C VAL E 179 46.14 -11.60 -15.09
N LEU E 180 45.41 -12.63 -14.66
CA LEU E 180 45.50 -13.06 -13.28
C LEU E 180 46.39 -14.31 -13.22
N GLN E 181 47.42 -14.25 -12.37
CA GLN E 181 48.46 -15.27 -12.35
C GLN E 181 48.17 -16.28 -11.23
N SER E 182 48.96 -17.38 -11.24
CA SER E 182 48.96 -18.34 -10.14
C SER E 182 49.25 -17.62 -8.83
N SER E 183 50.14 -16.62 -8.89
CA SER E 183 50.54 -15.84 -7.73
C SER E 183 49.32 -15.29 -6.99
N GLY E 184 48.24 -15.06 -7.76
CA GLY E 184 47.05 -14.36 -7.28
C GLY E 184 47.11 -12.87 -7.59
N LEU E 185 48.16 -12.46 -8.31
CA LEU E 185 48.44 -11.05 -8.55
C LEU E 185 48.16 -10.74 -10.02
N TYR E 186 47.91 -9.47 -10.32
CA TYR E 186 47.52 -9.04 -11.65
C TYR E 186 48.72 -8.40 -12.36
N SER E 187 48.71 -8.49 -13.70
CA SER E 187 49.72 -7.86 -14.53
C SER E 187 49.04 -7.41 -15.81
N LEU E 188 49.45 -6.23 -16.32
CA LEU E 188 48.96 -5.72 -17.59
C LEU E 188 50.09 -4.95 -18.28
N SER E 189 49.90 -4.68 -19.57
CA SER E 189 50.87 -3.89 -20.31
C SER E 189 50.13 -2.81 -21.10
N SER E 190 50.85 -1.72 -21.42
CA SER E 190 50.33 -0.69 -22.29
C SER E 190 51.37 -0.41 -23.37
N VAL E 191 50.97 -0.42 -24.66
CA VAL E 191 51.92 -0.23 -25.75
C VAL E 191 51.56 1.04 -26.52
N VAL E 192 52.57 1.78 -27.02
CA VAL E 192 52.34 2.96 -27.84
C VAL E 192 53.00 2.74 -29.20
N THR E 193 52.21 2.51 -30.25
CA THR E 193 52.77 2.43 -31.59
C THR E 193 53.01 3.85 -32.07
N VAL E 194 54.28 4.30 -32.08
CA VAL E 194 54.60 5.69 -32.39
C VAL E 194 55.58 5.76 -33.57
N PRO E 195 55.64 6.89 -34.31
CA PRO E 195 56.63 7.09 -35.39
C PRO E 195 58.06 6.82 -34.93
N SER E 196 58.83 6.08 -35.73
CA SER E 196 60.18 5.70 -35.34
C SER E 196 61.12 6.90 -35.40
N SER E 197 60.72 7.94 -36.14
CA SER E 197 61.56 9.13 -36.33
C SER E 197 61.64 9.97 -35.06
N SER E 198 60.69 9.81 -34.15
CA SER E 198 60.64 10.62 -32.93
C SER E 198 61.56 10.07 -31.85
N LEU E 199 61.76 8.74 -31.84
CA LEU E 199 62.54 8.09 -30.79
C LEU E 199 63.80 8.89 -30.49
N GLY E 200 64.05 9.22 -29.23
CA GLY E 200 65.27 9.95 -28.89
C GLY E 200 65.11 11.47 -29.03
N THR E 201 64.26 11.92 -29.97
CA THR E 201 63.88 13.32 -30.04
C THR E 201 62.72 13.58 -29.09
N GLN E 202 61.77 12.64 -29.00
CA GLN E 202 60.55 12.80 -28.21
C GLN E 202 60.62 11.96 -26.94
N THR E 203 60.08 12.49 -25.82
CA THR E 203 60.07 11.77 -24.56
C THR E 203 58.70 11.12 -24.35
N TYR E 204 58.70 9.82 -24.05
CA TYR E 204 57.49 9.11 -23.65
C TYR E 204 57.63 8.61 -22.19
N ILE E 205 56.73 9.07 -21.32
CA ILE E 205 56.67 8.62 -19.94
C ILE E 205 55.33 7.92 -19.73
N CYS E 206 55.33 6.74 -19.08
CA CYS E 206 54.11 6.01 -18.81
C CYS E 206 53.72 6.14 -17.34
N ASN E 207 52.51 6.64 -17.15
CA ASN E 207 51.98 6.94 -15.82
C ASN E 207 51.06 5.79 -15.41
N VAL E 208 51.49 5.09 -14.35
CA VAL E 208 50.82 3.90 -13.86
C VAL E 208 50.26 4.19 -12.48
N ASN E 209 48.93 4.18 -12.38
CA ASN E 209 48.26 4.67 -11.20
C ASN E 209 47.49 3.52 -10.57
N HIS E 210 47.68 3.31 -9.25
CA HIS E 210 47.02 2.26 -8.49
C HIS E 210 46.41 2.84 -7.21
N LYS E 211 45.16 3.32 -7.31
CA LYS E 211 44.48 3.94 -6.18
C LYS E 211 44.57 3.05 -4.95
N PRO E 212 44.20 1.74 -5.03
CA PRO E 212 44.26 0.85 -3.87
C PRO E 212 45.51 0.91 -3.00
N SER E 213 46.70 1.00 -3.61
CA SER E 213 47.96 1.08 -2.88
C SER E 213 48.42 2.53 -2.69
N ASN E 214 47.65 3.49 -3.21
CA ASN E 214 47.93 4.91 -3.05
C ASN E 214 49.30 5.26 -3.64
N THR E 215 49.60 4.66 -4.81
CA THR E 215 50.90 4.86 -5.46
C THR E 215 50.69 5.10 -6.95
N LYS E 216 51.33 6.13 -7.51
CA LYS E 216 51.44 6.31 -8.96
C LYS E 216 52.91 6.19 -9.31
N VAL E 217 53.22 5.45 -10.39
CA VAL E 217 54.59 5.39 -10.89
C VAL E 217 54.65 6.03 -12.27
N ASP E 218 55.65 6.90 -12.52
CA ASP E 218 55.85 7.55 -13.81
C ASP E 218 57.20 7.13 -14.36
N LYS E 219 57.24 6.21 -15.34
CA LYS E 219 58.51 5.70 -15.85
C LYS E 219 58.78 6.17 -17.28
N LYS E 220 60.00 6.65 -17.53
CA LYS E 220 60.43 7.07 -18.86
C LYS E 220 60.95 5.85 -19.62
N VAL E 221 60.42 5.64 -20.83
CA VAL E 221 60.79 4.51 -21.66
C VAL E 221 61.73 5.05 -22.75
N GLU E 222 62.99 4.57 -22.73
CA GLU E 222 64.04 5.03 -23.62
C GLU E 222 64.44 3.92 -24.59
N PRO E 223 64.95 4.23 -25.80
CA PRO E 223 65.38 3.19 -26.75
C PRO E 223 66.47 2.29 -26.18
N LYS E 224 66.43 1.02 -26.60
CA LYS E 224 67.27 -0.05 -26.06
C LYS E 224 68.74 0.22 -26.37
N SER E 225 69.63 -0.05 -25.39
CA SER E 225 71.07 0.09 -25.58
C SER E 225 71.78 -1.24 -25.27
N ASP F 1 -20.12 -11.33 -3.34
CA ASP F 1 -19.40 -10.60 -4.44
C ASP F 1 -17.90 -10.73 -4.20
N GLN F 2 -17.14 -9.90 -4.94
CA GLN F 2 -15.69 -9.98 -4.96
C GLN F 2 -15.10 -9.35 -3.72
N VAL F 3 -14.11 -10.06 -3.16
CA VAL F 3 -13.47 -9.72 -1.89
C VAL F 3 -12.04 -9.34 -2.23
N ASP F 4 -11.40 -8.62 -1.31
CA ASP F 4 -10.00 -8.22 -1.44
C ASP F 4 -9.12 -9.05 -0.53
N VAL F 5 -8.10 -9.58 -1.19
CA VAL F 5 -7.06 -10.35 -0.56
C VAL F 5 -5.78 -9.74 -1.10
N LYS F 6 -4.69 -10.01 -0.40
CA LYS F 6 -3.38 -9.58 -0.81
C LYS F 6 -2.62 -10.80 -1.29
N ASP F 7 -1.98 -10.69 -2.47
CA ASP F 7 -1.29 -11.82 -3.09
C ASP F 7 0.08 -12.01 -2.42
N CYS F 8 0.45 -13.28 -2.13
CA CYS F 8 1.76 -13.61 -1.57
C CYS F 8 2.58 -14.48 -2.53
N ALA F 9 2.25 -14.44 -3.83
CA ALA F 9 2.95 -15.24 -4.83
C ALA F 9 3.30 -14.37 -6.05
N ASN F 10 2.78 -14.72 -7.24
CA ASN F 10 3.05 -13.95 -8.45
C ASN F 10 1.75 -13.59 -9.18
N HIS F 11 0.70 -13.21 -8.44
CA HIS F 11 -0.54 -12.72 -9.05
C HIS F 11 -1.28 -13.78 -9.86
N GLU F 12 -1.19 -15.04 -9.44
CA GLU F 12 -1.88 -16.11 -10.13
C GLU F 12 -3.39 -16.09 -9.83
N ILE F 13 -3.76 -15.69 -8.61
CA ILE F 13 -5.16 -15.58 -8.20
C ILE F 13 -5.72 -14.30 -8.81
N LYS F 14 -6.79 -14.43 -9.61
CA LYS F 14 -7.34 -13.31 -10.35
C LYS F 14 -8.50 -12.63 -9.62
N LYS F 15 -9.46 -13.44 -9.15
CA LYS F 15 -10.57 -12.94 -8.36
C LYS F 15 -10.85 -13.91 -7.22
N VAL F 16 -11.22 -13.39 -6.04
CA VAL F 16 -11.70 -14.20 -4.91
C VAL F 16 -13.08 -13.70 -4.55
N LEU F 17 -14.12 -14.54 -4.72
CA LEU F 17 -15.50 -14.16 -4.46
C LEU F 17 -16.06 -14.93 -3.26
N VAL F 18 -16.80 -14.25 -2.37
CA VAL F 18 -17.46 -14.90 -1.22
C VAL F 18 -18.91 -14.43 -1.19
N PRO F 19 -19.90 -15.35 -1.09
CA PRO F 19 -21.31 -14.97 -0.97
C PRO F 19 -21.53 -13.91 0.09
N GLY F 20 -22.10 -12.78 -0.33
CA GLY F 20 -22.62 -11.79 0.60
C GLY F 20 -21.56 -10.84 1.12
N CYS F 21 -20.33 -10.89 0.59
CA CYS F 21 -19.28 -10.00 1.06
C CYS F 21 -18.77 -9.13 -0.09
N HIS F 22 -18.16 -8.00 0.28
CA HIS F 22 -17.78 -6.98 -0.69
C HIS F 22 -16.45 -6.34 -0.31
N GLY F 23 -15.47 -6.42 -1.23
CA GLY F 23 -14.19 -5.74 -1.17
C GLY F 23 -13.47 -5.93 0.16
N SER F 24 -13.14 -4.79 0.79
CA SER F 24 -12.35 -4.74 2.00
C SER F 24 -13.24 -4.51 3.23
N GLU F 25 -14.55 -4.73 3.06
CA GLU F 25 -15.49 -4.55 4.16
C GLU F 25 -15.50 -5.82 4.99
N PRO F 26 -15.74 -5.72 6.31
CA PRO F 26 -15.89 -6.91 7.16
C PRO F 26 -16.68 -8.00 6.46
N CYS F 27 -16.09 -9.20 6.47
CA CYS F 27 -16.72 -10.39 5.92
C CYS F 27 -16.99 -11.39 7.05
N ILE F 28 -18.27 -11.61 7.34
CA ILE F 28 -18.66 -12.29 8.56
C ILE F 28 -18.94 -13.76 8.25
N ILE F 29 -18.06 -14.58 8.85
CA ILE F 29 -18.18 -16.03 8.88
C ILE F 29 -18.95 -16.41 10.14
N HIS F 30 -20.03 -17.18 9.93
CA HIS F 30 -20.90 -17.63 11.00
C HIS F 30 -20.43 -19.01 11.48
N ARG F 31 -20.25 -19.14 12.80
CA ARG F 31 -20.03 -20.44 13.44
C ARG F 31 -21.18 -21.38 13.08
N GLY F 32 -20.84 -22.64 12.78
CA GLY F 32 -21.84 -23.69 12.68
C GLY F 32 -22.61 -23.66 11.36
N LYS F 33 -22.32 -22.68 10.50
CA LYS F 33 -22.87 -22.64 9.15
C LYS F 33 -21.71 -22.87 8.19
N PRO F 34 -21.90 -23.66 7.10
CA PRO F 34 -20.85 -23.85 6.09
C PRO F 34 -20.40 -22.53 5.46
N PHE F 35 -19.08 -22.37 5.30
CA PHE F 35 -18.47 -21.23 4.65
C PHE F 35 -18.03 -21.57 3.22
N GLN F 36 -18.52 -20.77 2.26
CA GLN F 36 -18.24 -20.98 0.86
C GLN F 36 -17.43 -19.81 0.33
N LEU F 37 -16.59 -20.13 -0.66
CA LEU F 37 -15.59 -19.23 -1.22
C LEU F 37 -15.19 -19.74 -2.61
N GLU F 38 -15.31 -18.85 -3.60
CA GLU F 38 -14.89 -19.14 -4.96
C GLU F 38 -13.61 -18.37 -5.27
N ALA F 39 -12.74 -18.96 -6.11
CA ALA F 39 -11.51 -18.32 -6.55
C ALA F 39 -11.24 -18.68 -8.00
N LEU F 40 -10.75 -17.69 -8.76
CA LEU F 40 -10.37 -17.87 -10.15
C LEU F 40 -8.87 -17.66 -10.29
N PHE F 41 -8.12 -18.70 -10.63
CA PHE F 41 -6.67 -18.53 -10.74
C PHE F 41 -6.15 -19.14 -12.03
N GLU F 42 -4.91 -18.78 -12.37
CA GLU F 42 -4.23 -19.29 -13.56
C GLU F 42 -3.06 -20.19 -13.12
N ALA F 43 -3.05 -21.42 -13.62
CA ALA F 43 -2.01 -22.38 -13.32
C ALA F 43 -0.68 -21.91 -13.90
N ASN F 44 0.33 -21.81 -13.01
CA ASN F 44 1.64 -21.33 -13.39
C ASN F 44 2.54 -22.50 -13.81
N GLN F 45 1.95 -23.70 -13.87
CA GLN F 45 2.73 -24.90 -14.12
C GLN F 45 1.82 -26.03 -14.56
N ASN F 46 2.41 -27.09 -15.10
CA ASN F 46 1.73 -28.38 -15.14
C ASN F 46 1.89 -28.99 -13.75
N SER F 47 0.79 -29.56 -13.22
CA SER F 47 0.82 -30.26 -11.95
C SER F 47 -0.33 -31.25 -11.89
N LYS F 48 -0.05 -32.44 -11.35
CA LYS F 48 -1.07 -33.44 -11.09
C LYS F 48 -1.69 -33.23 -9.72
N THR F 49 -0.99 -32.47 -8.84
CA THR F 49 -1.43 -32.26 -7.47
C THR F 49 -1.64 -30.78 -7.19
N ALA F 50 -2.36 -30.51 -6.07
CA ALA F 50 -2.57 -29.17 -5.55
C ALA F 50 -2.88 -29.24 -4.06
N LYS F 51 -1.87 -29.02 -3.20
CA LYS F 51 -2.06 -29.17 -1.75
C LYS F 51 -2.38 -27.80 -1.14
N ILE F 52 -3.34 -27.75 -0.19
CA ILE F 52 -3.74 -26.47 0.40
C ILE F 52 -3.18 -26.37 1.82
N GLU F 53 -2.44 -25.29 2.10
CA GLU F 53 -1.91 -25.03 3.44
C GLU F 53 -2.58 -23.76 4.00
N ILE F 54 -3.24 -23.87 5.16
CA ILE F 54 -3.97 -22.74 5.73
C ILE F 54 -3.34 -22.37 7.07
N LYS F 55 -2.80 -21.14 7.18
CA LYS F 55 -2.32 -20.62 8.46
C LYS F 55 -3.18 -19.42 8.82
N ALA F 56 -3.67 -19.36 10.07
CA ALA F 56 -4.61 -18.32 10.45
C ALA F 56 -4.34 -17.84 11.86
N SER F 57 -4.70 -16.59 12.13
CA SER F 57 -4.39 -15.95 13.40
C SER F 57 -5.61 -15.19 13.93
N ILE F 58 -5.84 -15.30 15.23
CA ILE F 58 -6.99 -14.74 15.91
C ILE F 58 -6.49 -13.83 17.02
N ASP F 59 -6.80 -12.53 16.90
CA ASP F 59 -6.28 -11.47 17.76
C ASP F 59 -4.79 -11.67 17.95
N GLY F 60 -4.06 -11.86 16.84
CA GLY F 60 -2.60 -11.88 16.85
C GLY F 60 -1.97 -13.25 17.15
N LEU F 61 -2.74 -14.21 17.67
CA LEU F 61 -2.22 -15.49 18.14
C LEU F 61 -2.60 -16.60 17.16
N GLU F 62 -1.65 -17.50 16.86
CA GLU F 62 -1.81 -18.58 15.89
C GLU F 62 -2.88 -19.56 16.37
N VAL F 63 -3.72 -20.05 15.45
CA VAL F 63 -4.82 -20.97 15.78
C VAL F 63 -4.84 -22.10 14.76
N ASP F 64 -5.16 -23.33 15.19
CA ASP F 64 -5.15 -24.49 14.32
C ASP F 64 -6.52 -24.63 13.63
N VAL F 65 -6.64 -24.13 12.39
CA VAL F 65 -7.88 -24.25 11.64
C VAL F 65 -8.14 -25.73 11.34
N PRO F 66 -9.26 -26.35 11.79
CA PRO F 66 -9.46 -27.80 11.62
C PRO F 66 -10.39 -28.20 10.48
N GLY F 67 -10.51 -29.51 10.23
CA GLY F 67 -11.47 -30.05 9.27
C GLY F 67 -11.38 -29.38 7.89
N ILE F 68 -10.18 -29.37 7.30
CA ILE F 68 -9.94 -28.76 6.00
C ILE F 68 -9.47 -29.82 5.00
N ASP F 69 -10.05 -29.84 3.79
CA ASP F 69 -9.65 -30.77 2.75
C ASP F 69 -8.41 -30.23 2.05
N PRO F 70 -7.23 -30.88 2.16
CA PRO F 70 -6.00 -30.37 1.55
C PRO F 70 -5.92 -30.52 0.03
N ASN F 71 -6.49 -31.59 -0.53
CA ASN F 71 -6.41 -31.83 -1.96
C ASN F 71 -7.39 -30.91 -2.68
N ALA F 72 -6.87 -30.04 -3.56
CA ALA F 72 -7.70 -29.05 -4.22
C ALA F 72 -8.38 -29.62 -5.46
N CYS F 73 -7.86 -30.72 -6.00
CA CYS F 73 -8.42 -31.27 -7.23
C CYS F 73 -9.86 -31.75 -6.98
N HIS F 74 -10.32 -31.63 -5.73
CA HIS F 74 -11.66 -32.03 -5.33
C HIS F 74 -12.66 -30.90 -5.54
N TYR F 75 -12.17 -29.72 -5.97
CA TYR F 75 -13.00 -28.55 -6.15
C TYR F 75 -12.77 -27.96 -7.54
N MET F 76 -12.22 -28.77 -8.42
CA MET F 76 -11.81 -28.36 -9.75
C MET F 76 -11.23 -29.57 -10.49
N LYS F 77 -10.91 -29.41 -11.78
CA LYS F 77 -10.40 -30.50 -12.60
C LYS F 77 -8.88 -30.60 -12.46
N CYS F 78 -8.32 -31.82 -12.60
CA CYS F 78 -6.88 -32.07 -12.54
C CYS F 78 -6.54 -33.16 -13.55
N PRO F 79 -5.36 -33.13 -14.23
CA PRO F 79 -4.20 -32.35 -13.82
C PRO F 79 -4.27 -30.91 -14.27
N LEU F 80 -3.48 -30.03 -13.64
CA LEU F 80 -3.43 -28.61 -14.00
C LEU F 80 -2.54 -28.42 -15.21
N VAL F 81 -2.95 -27.55 -16.15
CA VAL F 81 -2.19 -27.31 -17.35
C VAL F 81 -1.65 -25.89 -17.31
N LYS F 82 -0.34 -25.74 -17.50
CA LYS F 82 0.34 -24.46 -17.44
C LYS F 82 -0.33 -23.45 -18.38
N GLY F 83 -0.76 -22.32 -17.82
CA GLY F 83 -1.27 -21.20 -18.60
C GLY F 83 -2.80 -21.17 -18.69
N GLN F 84 -3.46 -22.24 -18.19
CA GLN F 84 -4.90 -22.37 -18.27
C GLN F 84 -5.58 -21.87 -16.99
N GLN F 85 -6.84 -21.46 -17.14
CA GLN F 85 -7.62 -20.80 -16.10
C GLN F 85 -8.47 -21.86 -15.39
N TYR F 86 -8.65 -21.68 -14.07
CA TYR F 86 -9.36 -22.65 -13.25
C TYR F 86 -10.26 -21.93 -12.25
N ASP F 87 -11.28 -22.68 -11.78
CA ASP F 87 -12.34 -22.16 -10.93
C ASP F 87 -12.55 -23.10 -9.75
N ILE F 88 -12.01 -22.75 -8.58
CA ILE F 88 -12.26 -23.51 -7.35
C ILE F 88 -13.55 -22.97 -6.70
N LYS F 89 -14.44 -23.87 -6.25
CA LYS F 89 -15.51 -23.50 -5.33
C LYS F 89 -15.35 -24.34 -4.06
N TYR F 90 -14.74 -23.73 -3.05
CA TYR F 90 -14.39 -24.46 -1.84
C TYR F 90 -15.46 -24.27 -0.78
N THR F 91 -15.69 -25.33 0.01
CA THR F 91 -16.59 -25.26 1.14
C THR F 91 -15.86 -25.83 2.36
N TRP F 92 -15.85 -25.03 3.44
CA TRP F 92 -15.41 -25.47 4.76
C TRP F 92 -16.51 -25.17 5.77
N ASN F 93 -16.85 -26.18 6.59
CA ASN F 93 -17.87 -26.03 7.62
C ASN F 93 -17.21 -25.46 8.87
N VAL F 94 -17.70 -24.30 9.33
CA VAL F 94 -17.23 -23.71 10.57
C VAL F 94 -17.81 -24.50 11.73
N PRO F 95 -16.97 -25.07 12.62
CA PRO F 95 -17.48 -25.77 13.80
C PRO F 95 -18.19 -24.80 14.75
N LYS F 96 -19.19 -25.30 15.50
CA LYS F 96 -19.99 -24.45 16.39
C LYS F 96 -19.11 -23.80 17.47
N ILE F 97 -18.08 -24.52 17.92
CA ILE F 97 -17.18 -24.10 18.98
C ILE F 97 -16.03 -23.24 18.46
N ALA F 98 -16.08 -22.79 17.20
CA ALA F 98 -15.01 -21.98 16.61
C ALA F 98 -14.89 -20.64 17.35
N PRO F 99 -13.67 -20.18 17.71
CA PRO F 99 -13.52 -18.98 18.53
C PRO F 99 -13.88 -17.70 17.78
N LYS F 100 -14.69 -16.84 18.41
CA LYS F 100 -15.20 -15.63 17.80
C LYS F 100 -14.12 -14.56 17.88
N SER F 101 -14.11 -13.64 16.92
CA SER F 101 -13.06 -12.63 16.83
C SER F 101 -13.38 -11.57 15.78
N GLU F 102 -12.91 -10.34 16.03
CA GLU F 102 -13.07 -9.23 15.10
C GLU F 102 -11.75 -8.88 14.43
N ASN F 103 -10.71 -9.68 14.67
CA ASN F 103 -9.40 -9.45 14.09
C ASN F 103 -8.84 -10.77 13.58
N VAL F 104 -8.83 -10.98 12.26
CA VAL F 104 -8.51 -12.30 11.69
C VAL F 104 -7.71 -12.19 10.40
N VAL F 105 -6.49 -12.76 10.46
CA VAL F 105 -5.57 -12.92 9.33
C VAL F 105 -5.60 -14.37 8.84
N VAL F 106 -5.88 -14.59 7.55
CA VAL F 106 -5.73 -15.92 6.99
C VAL F 106 -4.74 -15.89 5.81
N THR F 107 -3.75 -16.80 5.86
CA THR F 107 -2.93 -17.12 4.71
C THR F 107 -3.35 -18.46 4.13
N VAL F 108 -3.61 -18.48 2.81
CA VAL F 108 -3.70 -19.74 2.07
C VAL F 108 -2.57 -19.84 1.04
N LYS F 109 -1.81 -20.94 1.10
CA LYS F 109 -0.80 -21.28 0.10
C LYS F 109 -1.21 -22.60 -0.57
N VAL F 110 -1.15 -22.66 -1.90
CA VAL F 110 -1.38 -23.92 -2.59
C VAL F 110 -0.07 -24.38 -3.24
N MET F 111 0.42 -25.57 -2.85
CA MET F 111 1.66 -26.09 -3.40
C MET F 111 1.33 -27.06 -4.54
N GLY F 112 2.10 -27.01 -5.63
CA GLY F 112 1.98 -27.99 -6.70
C GLY F 112 3.24 -28.86 -6.80
N ASP F 113 3.31 -29.65 -7.87
CA ASP F 113 4.43 -30.56 -8.09
C ASP F 113 5.72 -29.75 -8.26
N ASN F 114 5.68 -28.67 -9.06
CA ASN F 114 6.88 -27.94 -9.42
C ASN F 114 7.04 -26.62 -8.67
N GLY F 115 6.17 -26.32 -7.69
CA GLY F 115 6.34 -25.12 -6.87
C GLY F 115 5.00 -24.51 -6.47
N VAL F 116 5.05 -23.35 -5.81
CA VAL F 116 3.87 -22.66 -5.31
C VAL F 116 2.91 -22.36 -6.47
N LEU F 117 1.63 -22.73 -6.32
CA LEU F 117 0.64 -22.52 -7.37
C LEU F 117 0.05 -21.12 -7.28
N ALA F 118 -0.11 -20.65 -6.03
CA ALA F 118 -0.92 -19.49 -5.66
C ALA F 118 -0.89 -19.25 -4.15
N CYS F 119 -1.07 -17.99 -3.76
CA CYS F 119 -0.97 -17.59 -2.36
C CYS F 119 -1.66 -16.24 -2.14
N ALA F 120 -2.39 -16.16 -1.00
CA ALA F 120 -3.16 -14.98 -0.63
C ALA F 120 -3.33 -14.88 0.89
N ILE F 121 -3.37 -13.64 1.37
CA ILE F 121 -3.70 -13.34 2.76
C ILE F 121 -4.98 -12.50 2.76
N ALA F 122 -5.86 -12.81 3.74
CA ALA F 122 -7.12 -12.09 3.94
C ALA F 122 -7.18 -11.58 5.38
N THR F 123 -7.51 -10.30 5.53
CA THR F 123 -7.43 -9.64 6.83
C THR F 123 -8.82 -9.30 7.36
N HIS F 124 -9.89 -9.51 6.58
CA HIS F 124 -11.17 -8.87 6.84
C HIS F 124 -12.21 -9.86 7.39
N ALA F 125 -11.82 -11.13 7.53
CA ALA F 125 -12.70 -12.11 8.14
C ALA F 125 -12.93 -11.69 9.57
N LYS F 126 -14.18 -11.89 10.02
CA LYS F 126 -14.60 -11.63 11.38
C LYS F 126 -15.46 -12.82 11.79
N ILE F 127 -15.07 -13.60 12.81
CA ILE F 127 -15.83 -14.78 13.16
C ILE F 127 -16.88 -14.39 14.19
N ARG F 128 -18.15 -14.68 13.92
CA ARG F 128 -19.25 -14.28 14.80
C ARG F 128 -20.26 -15.40 14.89
N ASP F 129 -21.21 -15.30 15.83
CA ASP F 129 -22.19 -16.36 16.06
C ASP F 129 -23.15 -16.46 14.87
#